data_5HDX
#
_entry.id   5HDX
#
_cell.length_a   86.273
_cell.length_b   89.353
_cell.length_c   131.319
_cell.angle_alpha   90.000
_cell.angle_beta   90.000
_cell.angle_gamma   90.000
#
_symmetry.space_group_name_H-M   'P 21 21 21'
#
loop_
_entity.id
_entity.type
_entity.pdbx_description
1 polymer 'Beta-secretase 1'
2 non-polymer 5-[(2E,4aR,7aR)-6-(4-ethoxy-5-fluoro-6-methylpyrimidin-2-yl)-2-imino-3-methyl-4-oxooctahydro-7aH-pyrrolo[3,4-d]pyrimidin-7a-yl]thiophene-2-carbonitrile
3 water water
#
_entity_poly.entity_id   1
_entity_poly.type   'polypeptide(L)'
_entity_poly.pdbx_seq_one_letter_code
;LRLPRETDEEPEEPGRRGSFVEMVDNLRGKSGQGYYVEMTVGSPPQTLNILVDTGSSNFAVGAAPHPFLHRYYQRQLSST
YRDLRKGVYVPYTQGKWEGELGTDLVSIPHGPNVTVRANIAAITESDKFFINGSNWEGILGLAYAEIARPDDSLEPFFDS
LVKQTHVPNLFSLQLCGAGFPLNQSEVLASVGGSMIIGGIDHSLYTGSLWYTPIRREWYYEVIIVRVEINGQDLKMDCKE
YNYDKSIVDSGTTNLRLPKKVFEAAVKSIKAASSTEKFPDGFWLGEQLVCWQAGTTPWNIFPVISLYLMGEVTNQSFRIT
ILPQQYLRPVEDVATSQDDCYKFAISQSSTGTVMGAVIMEGFYVVFDRARKRIGFAVSACHVHDEFRTAAVEGPFVTLDM
EDCGYNIPQTDEST
;
_entity_poly.pdbx_strand_id   A,B
#
loop_
_chem_comp.id
_chem_comp.type
_chem_comp.name
_chem_comp.formula
60U non-polymer 5-[(2E,4aR,7aR)-6-(4-ethoxy-5-fluoro-6-methylpyrimidin-2-yl)-2-imino-3-methyl-4-oxooctahydro-7aH-pyrrolo[3,4-d]pyrimidin-7a-yl]thiophene-2-carbonitrile 'C19 H20 F N7 O2 S'
#
# COMPACT_ATOMS: atom_id res chain seq x y z
N GLY A 18 -1.99 31.34 -27.30
CA GLY A 18 -1.01 32.21 -27.95
C GLY A 18 -0.10 33.03 -27.06
N SER A 19 -0.40 34.36 -26.95
CA SER A 19 0.36 35.35 -26.17
C SER A 19 -0.64 36.23 -25.38
N PHE A 20 -0.48 36.24 -24.07
CA PHE A 20 -1.35 36.92 -23.11
C PHE A 20 -0.47 37.75 -22.22
N VAL A 21 0.21 38.74 -22.83
CA VAL A 21 1.19 39.60 -22.17
C VAL A 21 0.62 40.29 -20.92
N GLU A 22 -0.66 40.70 -20.94
CA GLU A 22 -1.27 41.39 -19.80
CA GLU A 22 -1.28 41.38 -19.80
C GLU A 22 -1.35 40.46 -18.57
N MET A 23 -1.39 39.13 -18.78
CA MET A 23 -1.46 38.21 -17.64
C MET A 23 -0.14 37.53 -17.27
N VAL A 24 0.88 37.61 -18.14
CA VAL A 24 2.16 37.01 -17.81
C VAL A 24 2.77 37.78 -16.61
N ASP A 25 3.34 37.03 -15.65
CA ASP A 25 4.01 37.57 -14.48
C ASP A 25 3.05 38.27 -13.51
N ASN A 26 1.80 37.78 -13.45
CA ASN A 26 0.81 38.42 -12.54
C ASN A 26 0.75 37.76 -11.17
N LEU A 27 1.60 36.74 -10.91
CA LEU A 27 1.60 36.11 -9.59
C LEU A 27 2.81 36.50 -8.76
N ARG A 28 2.65 36.41 -7.44
CA ARG A 28 3.74 36.58 -6.49
C ARG A 28 3.59 35.50 -5.41
N GLY A 29 4.65 35.26 -4.66
CA GLY A 29 4.61 34.26 -3.61
C GLY A 29 5.68 33.21 -3.77
N LYS A 30 5.50 32.12 -3.04
CA LYS A 30 6.45 31.00 -3.02
C LYS A 30 5.70 29.76 -2.58
N SER A 31 6.30 28.57 -2.75
CA SER A 31 5.57 27.32 -2.49
C SER A 31 5.05 27.16 -1.07
N GLY A 32 5.84 27.60 -0.06
CA GLY A 32 5.47 27.45 1.35
C GLY A 32 4.31 28.31 1.83
N GLN A 33 4.16 29.54 1.27
CA GLN A 33 3.11 30.49 1.70
C GLN A 33 2.02 30.69 0.64
N GLY A 34 2.21 30.06 -0.50
CA GLY A 34 1.26 30.12 -1.60
C GLY A 34 1.57 31.21 -2.60
N TYR A 35 0.92 31.10 -3.77
CA TYR A 35 1.08 32.06 -4.88
C TYR A 35 -0.22 32.84 -5.00
N TYR A 36 -0.12 34.15 -5.14
CA TYR A 36 -1.35 34.95 -5.13
C TYR A 36 -1.39 35.91 -6.30
N VAL A 37 -2.62 36.32 -6.65
CA VAL A 37 -2.90 37.26 -7.74
C VAL A 37 -3.64 38.46 -7.17
N GLU A 38 -3.44 39.63 -7.76
CA GLU A 38 -4.20 40.79 -7.27
C GLU A 38 -5.60 40.73 -7.84
N MET A 39 -6.60 41.05 -6.99
CA MET A 39 -7.99 41.14 -7.46
C MET A 39 -8.61 42.40 -6.88
N THR A 40 -9.75 42.83 -7.43
CA THR A 40 -10.50 43.92 -6.80
C THR A 40 -11.91 43.44 -6.55
N VAL A 41 -12.47 43.91 -5.44
CA VAL A 41 -13.86 43.58 -5.08
C VAL A 41 -14.59 44.87 -4.74
N GLY A 42 -15.84 44.97 -5.18
CA GLY A 42 -16.71 46.09 -4.82
C GLY A 42 -16.62 47.33 -5.68
N SER A 43 -17.48 48.32 -5.34
CA SER A 43 -17.55 49.59 -6.03
C SER A 43 -17.55 50.71 -4.99
N PRO A 44 -16.52 51.57 -4.96
CA PRO A 44 -15.31 51.59 -5.82
C PRO A 44 -14.45 50.34 -5.54
N PRO A 45 -13.57 49.95 -6.46
CA PRO A 45 -12.79 48.71 -6.25
C PRO A 45 -11.88 48.72 -5.04
N GLN A 46 -11.91 47.61 -4.27
CA GLN A 46 -11.05 47.39 -3.13
C GLN A 46 -10.04 46.34 -3.56
N THR A 47 -8.76 46.72 -3.57
CA THR A 47 -7.69 45.81 -4.00
C THR A 47 -7.33 44.82 -2.88
N LEU A 48 -7.23 43.53 -3.23
CA LEU A 48 -6.78 42.49 -2.29
C LEU A 48 -5.85 41.53 -3.05
N ASN A 49 -4.96 40.88 -2.30
CA ASN A 49 -4.09 39.83 -2.83
C ASN A 49 -4.76 38.51 -2.49
N ILE A 50 -4.91 37.65 -3.52
CA ILE A 50 -5.73 36.45 -3.34
C ILE A 50 -4.97 35.19 -3.72
N LEU A 51 -4.89 34.24 -2.79
CA LEU A 51 -4.22 32.97 -3.03
C LEU A 51 -4.89 32.19 -4.18
N VAL A 52 -4.12 31.68 -5.13
CA VAL A 52 -4.66 30.89 -6.23
C VAL A 52 -4.67 29.43 -5.76
N ASP A 53 -5.89 28.86 -5.57
CA ASP A 53 -6.05 27.53 -4.99
C ASP A 53 -6.86 26.58 -5.88
N THR A 54 -6.15 25.66 -6.56
CA THR A 54 -6.89 24.69 -7.39
C THR A 54 -7.44 23.52 -6.53
N GLY A 55 -7.21 23.57 -5.21
CA GLY A 55 -7.67 22.53 -4.28
C GLY A 55 -8.95 22.88 -3.52
N SER A 56 -9.62 24.00 -3.89
CA SER A 56 -10.89 24.37 -3.23
C SER A 56 -11.73 25.14 -4.25
N SER A 57 -12.98 25.49 -3.88
CA SER A 57 -13.89 26.06 -4.87
C SER A 57 -14.67 27.26 -4.37
N ASN A 58 -14.22 27.90 -3.28
CA ASN A 58 -14.86 29.13 -2.80
C ASN A 58 -13.95 30.32 -3.02
N PHE A 59 -14.56 31.47 -3.29
CA PHE A 59 -13.86 32.75 -3.30
C PHE A 59 -14.17 33.37 -1.93
N ALA A 60 -13.15 33.46 -1.06
CA ALA A 60 -13.37 33.94 0.30
C ALA A 60 -12.33 34.96 0.64
N VAL A 61 -12.74 36.07 1.27
CA VAL A 61 -11.80 37.12 1.60
C VAL A 61 -11.93 37.57 3.06
N GLY A 62 -10.81 37.98 3.66
CA GLY A 62 -10.86 38.60 4.99
C GLY A 62 -11.80 39.80 4.94
N ALA A 63 -12.75 39.87 5.86
CA ALA A 63 -13.75 40.95 5.85
C ALA A 63 -13.92 41.60 7.21
N ALA A 64 -12.92 41.41 8.08
CA ALA A 64 -12.91 41.94 9.44
C ALA A 64 -11.44 42.00 9.89
N PRO A 65 -11.10 42.93 10.81
CA PRO A 65 -9.68 43.02 11.23
C PRO A 65 -9.13 41.71 11.77
N HIS A 66 -7.86 41.45 11.45
CA HIS A 66 -7.13 40.27 11.92
C HIS A 66 -5.69 40.71 12.12
N PRO A 67 -4.98 40.24 13.17
CA PRO A 67 -3.57 40.65 13.36
C PRO A 67 -2.66 40.48 12.14
N PHE A 68 -2.95 39.48 11.28
CA PHE A 68 -2.09 39.19 10.11
C PHE A 68 -2.58 39.81 8.79
N LEU A 69 -3.64 40.63 8.84
CA LEU A 69 -4.17 41.29 7.64
C LEU A 69 -3.90 42.78 7.76
N HIS A 70 -3.35 43.42 6.69
CA HIS A 70 -3.15 44.87 6.70
C HIS A 70 -4.32 45.56 5.95
N ARG A 71 -5.16 44.73 5.31
CA ARG A 71 -6.38 45.18 4.63
C ARG A 71 -7.39 44.08 4.56
N TYR A 72 -8.66 44.47 4.36
CA TYR A 72 -9.75 43.50 4.29
C TYR A 72 -10.91 44.11 3.52
N TYR A 73 -11.82 43.27 3.08
CA TYR A 73 -13.00 43.68 2.34
C TYR A 73 -13.96 44.37 3.29
N GLN A 74 -14.34 45.60 2.94
CA GLN A 74 -15.27 46.44 3.72
C GLN A 74 -16.58 46.55 2.95
N ARG A 75 -17.51 45.63 3.24
CA ARG A 75 -18.79 45.52 2.53
C ARG A 75 -19.61 46.81 2.59
N GLN A 76 -19.58 47.50 3.74
CA GLN A 76 -20.35 48.75 3.93
C GLN A 76 -19.85 49.88 3.00
N LEU A 77 -18.64 49.72 2.42
CA LEU A 77 -18.09 50.73 1.50
C LEU A 77 -18.32 50.39 0.03
N SER A 78 -18.99 49.25 -0.24
CA SER A 78 -19.26 48.86 -1.62
C SER A 78 -20.73 49.06 -1.95
N SER A 79 -21.00 49.89 -2.95
CA SER A 79 -22.37 50.18 -3.38
C SER A 79 -23.01 48.98 -4.08
N THR A 80 -22.18 48.05 -4.58
CA THR A 80 -22.65 46.90 -5.34
C THR A 80 -22.70 45.63 -4.49
N TYR A 81 -22.38 45.73 -3.21
CA TYR A 81 -22.49 44.59 -2.31
C TYR A 81 -23.95 44.14 -2.19
N ARG A 82 -24.17 42.83 -2.24
CA ARG A 82 -25.47 42.21 -2.04
C ARG A 82 -25.34 41.12 -0.98
N ASP A 83 -26.13 41.22 0.08
CA ASP A 83 -26.09 40.27 1.19
C ASP A 83 -26.94 39.05 0.86
N LEU A 84 -26.35 37.83 0.92
CA LEU A 84 -27.10 36.61 0.64
C LEU A 84 -27.81 36.09 1.90
N ARG A 85 -27.59 36.74 3.06
CA ARG A 85 -28.21 36.40 4.35
C ARG A 85 -27.98 34.94 4.70
N LYS A 86 -26.76 34.47 4.54
CA LYS A 86 -26.45 33.07 4.78
C LYS A 86 -25.00 32.98 5.24
N GLY A 87 -24.78 32.15 6.23
CA GLY A 87 -23.45 31.93 6.78
C GLY A 87 -22.78 30.76 6.11
N VAL A 88 -21.48 30.65 6.33
CA VAL A 88 -20.68 29.55 5.79
C VAL A 88 -19.59 29.24 6.83
N TYR A 89 -19.50 27.96 7.23
CA TYR A 89 -18.56 27.47 8.24
C TYR A 89 -17.67 26.45 7.55
N VAL A 90 -16.35 26.72 7.52
CA VAL A 90 -15.44 25.84 6.80
C VAL A 90 -14.30 25.32 7.70
N PRO A 91 -14.54 24.22 8.45
CA PRO A 91 -13.44 23.60 9.20
C PRO A 91 -12.71 22.59 8.30
N TYR A 92 -11.38 22.71 8.18
CA TYR A 92 -10.59 21.73 7.42
C TYR A 92 -9.50 21.19 8.36
N THR A 93 -8.65 20.25 7.89
CA THR A 93 -7.62 19.58 8.70
C THR A 93 -6.73 20.54 9.53
N GLN A 94 -5.99 21.45 8.87
CA GLN A 94 -5.03 22.36 9.53
C GLN A 94 -5.55 23.74 9.94
N GLY A 95 -6.74 24.11 9.49
CA GLY A 95 -7.32 25.41 9.79
C GLY A 95 -8.81 25.51 9.62
N LYS A 96 -9.36 26.71 9.85
CA LYS A 96 -10.80 26.93 9.78
C LYS A 96 -11.12 28.40 9.58
N TRP A 97 -12.28 28.65 8.99
CA TRP A 97 -12.81 29.99 8.81
C TRP A 97 -14.32 29.96 8.77
N GLU A 98 -14.92 31.06 9.16
CA GLU A 98 -16.36 31.27 9.16
C GLU A 98 -16.62 32.59 8.47
N GLY A 99 -17.72 32.65 7.74
CA GLY A 99 -18.05 33.89 7.08
C GLY A 99 -19.50 34.08 6.73
N GLU A 100 -19.74 35.16 6.00
CA GLU A 100 -21.06 35.56 5.57
C GLU A 100 -21.05 35.65 4.07
N LEU A 101 -22.02 34.99 3.42
CA LEU A 101 -22.11 34.97 1.96
C LEU A 101 -22.77 36.22 1.41
N GLY A 102 -22.25 36.67 0.29
CA GLY A 102 -22.78 37.81 -0.44
C GLY A 102 -22.26 37.75 -1.86
N THR A 103 -22.65 38.74 -2.67
CA THR A 103 -22.11 38.85 -4.03
C THR A 103 -21.60 40.28 -4.21
N ASP A 104 -20.70 40.47 -5.15
CA ASP A 104 -20.19 41.80 -5.50
C ASP A 104 -19.52 41.72 -6.86
N LEU A 105 -19.13 42.89 -7.41
CA LEU A 105 -18.43 42.95 -8.68
C LEU A 105 -16.94 42.72 -8.41
N VAL A 106 -16.36 41.82 -9.20
CA VAL A 106 -14.98 41.37 -9.00
C VAL A 106 -14.22 41.48 -10.31
N SER A 107 -12.96 41.94 -10.22
CA SER A 107 -12.10 42.06 -11.40
C SER A 107 -10.71 41.53 -11.03
N ILE A 108 -9.92 41.22 -12.09
CA ILE A 108 -8.53 40.80 -11.92
C ILE A 108 -7.74 41.84 -12.75
N PRO A 109 -7.11 42.83 -12.08
CA PRO A 109 -6.39 43.90 -12.82
C PRO A 109 -5.42 43.40 -13.88
N HIS A 110 -4.66 42.34 -13.56
CA HIS A 110 -3.73 41.75 -14.53
C HIS A 110 -4.34 40.45 -15.03
N GLY A 111 -5.53 40.58 -15.57
CA GLY A 111 -6.32 39.44 -16.01
C GLY A 111 -7.10 39.79 -17.26
N PRO A 112 -8.23 39.11 -17.48
CA PRO A 112 -9.06 39.42 -18.64
C PRO A 112 -9.73 40.79 -18.36
N ASN A 113 -9.98 41.55 -19.36
CA ASN A 113 -10.53 42.87 -19.08
C ASN A 113 -12.05 42.81 -18.95
N VAL A 114 -12.50 42.14 -17.86
CA VAL A 114 -13.94 41.92 -17.59
C VAL A 114 -14.20 42.12 -16.11
N THR A 115 -15.46 42.36 -15.77
CA THR A 115 -15.87 42.49 -14.36
C THR A 115 -17.07 41.58 -14.23
N VAL A 116 -17.07 40.76 -13.20
CA VAL A 116 -18.18 39.83 -13.05
C VAL A 116 -18.81 39.94 -11.71
N ARG A 117 -20.05 39.50 -11.63
CA ARG A 117 -20.78 39.48 -10.38
C ARG A 117 -20.54 38.07 -9.82
N ALA A 118 -19.84 37.98 -8.69
CA ALA A 118 -19.45 36.69 -8.13
C ALA A 118 -19.84 36.54 -6.68
N ASN A 119 -19.96 35.28 -6.22
CA ASN A 119 -20.15 34.98 -4.82
C ASN A 119 -18.86 35.30 -4.06
N ILE A 120 -18.99 35.85 -2.87
CA ILE A 120 -17.87 36.14 -2.00
C ILE A 120 -18.25 35.74 -0.60
N ALA A 121 -17.40 34.91 0.03
CA ALA A 121 -17.57 34.59 1.43
C ALA A 121 -16.72 35.60 2.20
N ALA A 122 -17.39 36.48 2.96
CA ALA A 122 -16.73 37.50 3.74
C ALA A 122 -16.31 36.88 5.08
N ILE A 123 -15.01 36.61 5.24
CA ILE A 123 -14.51 35.95 6.44
C ILE A 123 -14.54 36.87 7.63
N THR A 124 -15.29 36.46 8.67
CA THR A 124 -15.48 37.26 9.90
C THR A 124 -14.73 36.68 11.10
N GLU A 125 -14.46 35.36 11.07
CA GLU A 125 -13.74 34.64 12.13
C GLU A 125 -12.91 33.55 11.48
N SER A 126 -11.68 33.32 11.96
CA SER A 126 -10.81 32.30 11.40
C SER A 126 -9.81 31.78 12.45
N ASP A 127 -9.26 30.58 12.22
CA ASP A 127 -8.27 29.94 13.09
C ASP A 127 -7.21 29.28 12.23
N LYS A 128 -5.95 29.76 12.36
CA LYS A 128 -4.78 29.25 11.62
C LYS A 128 -4.96 29.28 10.10
N PHE A 129 -5.74 30.27 9.61
CA PHE A 129 -6.01 30.45 8.19
C PHE A 129 -5.06 31.50 7.60
N PHE A 130 -5.12 32.76 8.09
CA PHE A 130 -4.25 33.83 7.63
C PHE A 130 -2.82 33.60 8.11
N ILE A 131 -1.85 33.51 7.17
CA ILE A 131 -0.43 33.27 7.45
C ILE A 131 0.26 34.61 7.66
N ASN A 132 0.95 34.76 8.81
CA ASN A 132 1.72 35.96 9.11
C ASN A 132 2.83 36.18 8.05
N GLY A 133 2.74 37.28 7.31
CA GLY A 133 3.71 37.65 6.28
C GLY A 133 3.53 37.07 4.89
N SER A 134 2.38 36.38 4.61
CA SER A 134 2.11 35.76 3.30
C SER A 134 1.76 36.79 2.20
N ASN A 135 1.25 37.94 2.62
CA ASN A 135 0.81 39.05 1.80
C ASN A 135 -0.54 38.79 1.09
N TRP A 136 -1.26 37.69 1.40
CA TRP A 136 -2.59 37.48 0.79
C TRP A 136 -3.70 37.64 1.84
N GLU A 137 -4.87 38.09 1.38
CA GLU A 137 -5.99 38.42 2.24
C GLU A 137 -7.23 37.59 1.92
N GLY A 138 -7.11 36.66 1.01
CA GLY A 138 -8.24 35.83 0.62
C GLY A 138 -7.77 34.68 -0.24
N ILE A 139 -8.71 33.84 -0.65
CA ILE A 139 -8.42 32.65 -1.48
C ILE A 139 -9.37 32.56 -2.62
N LEU A 140 -8.83 32.21 -3.80
CA LEU A 140 -9.62 31.99 -5.00
C LEU A 140 -9.62 30.50 -5.31
N GLY A 141 -10.69 29.83 -4.88
CA GLY A 141 -10.86 28.41 -5.13
C GLY A 141 -11.27 28.18 -6.57
N LEU A 142 -10.40 27.53 -7.34
CA LEU A 142 -10.60 27.32 -8.76
C LEU A 142 -11.14 25.94 -9.15
N ALA A 143 -11.38 25.07 -8.16
CA ALA A 143 -11.92 23.74 -8.47
C ALA A 143 -13.45 23.81 -8.69
N TYR A 144 -14.12 22.66 -8.79
CA TYR A 144 -15.52 22.60 -9.19
C TYR A 144 -16.54 22.75 -8.06
N ALA A 145 -17.78 23.10 -8.45
CA ALA A 145 -18.87 23.34 -7.54
C ALA A 145 -19.15 22.19 -6.56
N GLU A 146 -18.87 20.93 -6.95
CA GLU A 146 -19.12 19.80 -6.05
C GLU A 146 -18.54 19.97 -4.65
N ILE A 147 -17.33 20.61 -4.52
CA ILE A 147 -16.66 20.75 -3.25
C ILE A 147 -16.79 22.19 -2.65
N ALA A 148 -17.68 23.02 -3.25
CA ALA A 148 -17.94 24.36 -2.74
C ALA A 148 -18.73 24.26 -1.43
N ARG A 149 -18.51 25.24 -0.53
CA ARG A 149 -19.22 25.30 0.74
C ARG A 149 -20.19 26.49 0.71
N PRO A 150 -21.39 26.39 1.32
CA PRO A 150 -21.91 25.24 2.11
C PRO A 150 -22.26 24.02 1.28
N ASP A 151 -22.56 24.23 -0.01
CA ASP A 151 -22.90 23.16 -0.94
C ASP A 151 -22.67 23.58 -2.37
N ASP A 152 -22.93 22.66 -3.32
CA ASP A 152 -22.69 22.87 -4.74
C ASP A 152 -23.59 23.89 -5.44
N SER A 153 -24.56 24.50 -4.71
CA SER A 153 -25.38 25.53 -5.34
C SER A 153 -24.64 26.89 -5.33
N LEU A 154 -23.54 27.02 -4.55
CA LEU A 154 -22.78 28.29 -4.49
C LEU A 154 -21.79 28.27 -5.64
N GLU A 155 -22.17 28.94 -6.74
CA GLU A 155 -21.40 28.97 -7.96
C GLU A 155 -19.97 29.47 -7.74
N PRO A 156 -18.93 28.67 -8.09
CA PRO A 156 -17.54 29.15 -7.92
C PRO A 156 -17.24 30.32 -8.87
N PHE A 157 -16.22 31.11 -8.51
CA PHE A 157 -15.80 32.25 -9.30
C PHE A 157 -15.59 31.95 -10.79
N PHE A 158 -14.81 30.90 -11.11
CA PHE A 158 -14.52 30.63 -12.51
C PHE A 158 -15.75 30.28 -13.32
N ASP A 159 -16.72 29.60 -12.68
CA ASP A 159 -18.01 29.26 -13.30
C ASP A 159 -18.74 30.57 -13.66
N SER A 160 -18.77 31.55 -12.72
CA SER A 160 -19.41 32.85 -12.95
C SER A 160 -18.72 33.61 -14.06
N LEU A 161 -17.37 33.62 -14.04
CA LEU A 161 -16.60 34.30 -15.05
C LEU A 161 -16.95 33.77 -16.46
N VAL A 162 -16.96 32.43 -16.64
CA VAL A 162 -17.24 31.83 -17.94
C VAL A 162 -18.69 32.12 -18.35
N LYS A 163 -19.64 32.03 -17.42
CA LYS A 163 -21.05 32.24 -17.73
C LYS A 163 -21.36 33.67 -18.15
N GLN A 164 -20.74 34.64 -17.48
CA GLN A 164 -21.05 36.06 -17.72
C GLN A 164 -20.24 36.73 -18.83
N THR A 165 -19.15 36.10 -19.30
CA THR A 165 -18.25 36.74 -20.29
C THR A 165 -17.96 35.78 -21.45
N HIS A 166 -17.09 36.19 -22.40
CA HIS A 166 -16.71 35.28 -23.48
C HIS A 166 -15.36 34.61 -23.15
N VAL A 167 -14.91 34.69 -21.89
CA VAL A 167 -13.62 34.08 -21.51
C VAL A 167 -13.72 32.56 -21.70
N PRO A 168 -12.78 31.94 -22.48
CA PRO A 168 -12.82 30.48 -22.66
C PRO A 168 -12.69 29.74 -21.33
N ASN A 169 -13.30 28.54 -21.26
CA ASN A 169 -13.35 27.74 -20.04
C ASN A 169 -12.02 26.98 -19.82
N LEU A 170 -10.97 27.73 -19.53
CA LEU A 170 -9.63 27.17 -19.38
C LEU A 170 -8.77 28.19 -18.65
N PHE A 171 -7.83 27.74 -17.82
CA PHE A 171 -6.85 28.65 -17.25
C PHE A 171 -5.58 27.85 -17.14
N SER A 172 -4.46 28.53 -17.05
CA SER A 172 -3.18 27.83 -16.98
C SER A 172 -2.32 28.49 -15.94
N LEU A 173 -1.46 27.70 -15.25
CA LEU A 173 -0.63 28.24 -14.19
C LEU A 173 0.83 27.90 -14.39
N GLN A 174 1.69 28.89 -14.22
CA GLN A 174 3.14 28.72 -14.22
C GLN A 174 3.57 29.25 -12.84
N LEU A 175 3.87 28.36 -11.89
CA LEU A 175 4.32 28.77 -10.54
C LEU A 175 5.84 28.72 -10.57
N CYS A 176 6.48 29.83 -10.20
CA CYS A 176 7.92 29.93 -10.32
C CYS A 176 8.61 29.94 -8.99
N GLY A 177 9.28 28.83 -8.67
CA GLY A 177 10.11 28.76 -7.47
C GLY A 177 11.40 29.50 -7.77
N ALA A 178 11.93 30.25 -6.79
CA ALA A 178 13.17 31.04 -7.05
C ALA A 178 14.42 30.16 -7.06
N GLY A 179 14.36 29.05 -6.32
CA GLY A 179 15.51 28.17 -6.19
C GLY A 179 16.42 28.56 -5.04
N PHE A 180 16.05 29.61 -4.30
CA PHE A 180 16.79 30.10 -3.15
C PHE A 180 15.80 30.89 -2.28
N PRO A 181 16.11 31.17 -1.01
CA PRO A 181 15.14 31.88 -0.18
C PRO A 181 15.01 33.34 -0.60
N LEU A 182 13.81 33.87 -0.48
CA LEU A 182 13.55 35.28 -0.77
C LEU A 182 13.16 35.91 0.54
N ASN A 183 13.79 37.05 0.91
CA ASN A 183 13.42 37.73 2.14
C ASN A 183 12.09 38.49 1.92
N GLN A 184 11.55 39.13 2.99
CA GLN A 184 10.28 39.88 2.92
C GLN A 184 10.23 40.88 1.75
N SER A 185 11.27 41.72 1.59
CA SER A 185 11.28 42.69 0.50
C SER A 185 11.40 42.04 -0.89
N GLU A 186 12.25 41.00 -1.01
CA GLU A 186 12.45 40.31 -2.29
C GLU A 186 11.18 39.59 -2.75
N VAL A 187 10.45 38.96 -1.84
CA VAL A 187 9.24 38.22 -2.21
C VAL A 187 8.15 39.20 -2.66
N LEU A 188 8.17 40.45 -2.18
CA LEU A 188 7.19 41.45 -2.64
C LEU A 188 7.58 42.03 -4.00
N ALA A 189 8.89 42.03 -4.31
CA ALA A 189 9.42 42.58 -5.55
C ALA A 189 9.61 41.57 -6.67
N SER A 190 9.57 40.27 -6.34
CA SER A 190 9.84 39.21 -7.27
C SER A 190 8.57 38.74 -7.99
N VAL A 191 8.75 38.25 -9.22
CA VAL A 191 7.69 37.64 -10.02
C VAL A 191 7.60 36.17 -9.62
N GLY A 192 6.43 35.76 -9.14
CA GLY A 192 6.20 34.40 -8.71
C GLY A 192 5.59 33.50 -9.77
N GLY A 193 5.25 34.05 -10.92
CA GLY A 193 4.65 33.22 -11.95
C GLY A 193 3.50 33.88 -12.67
N SER A 194 2.72 33.07 -13.38
CA SER A 194 1.62 33.54 -14.21
C SER A 194 0.40 32.71 -14.07
N MET A 195 -0.76 33.39 -14.02
CA MET A 195 -2.05 32.74 -14.14
C MET A 195 -2.68 33.32 -15.40
N ILE A 196 -2.77 32.52 -16.45
CA ILE A 196 -3.37 32.91 -17.72
C ILE A 196 -4.80 32.45 -17.71
N ILE A 197 -5.72 33.41 -17.62
CA ILE A 197 -7.14 33.14 -17.57
C ILE A 197 -7.68 33.15 -19.00
N GLY A 198 -8.23 32.03 -19.43
CA GLY A 198 -8.82 31.84 -20.75
C GLY A 198 -7.89 31.43 -21.87
N GLY A 199 -6.66 31.03 -21.52
CA GLY A 199 -5.73 30.67 -22.56
C GLY A 199 -4.44 30.04 -22.09
N ILE A 200 -3.59 29.77 -23.09
CA ILE A 200 -2.28 29.16 -22.97
C ILE A 200 -1.29 30.13 -23.55
N ASP A 201 -0.27 30.50 -22.77
CA ASP A 201 0.76 31.39 -23.27
C ASP A 201 1.99 30.53 -23.60
N HIS A 202 2.34 30.44 -24.89
CA HIS A 202 3.44 29.60 -25.36
C HIS A 202 4.84 30.04 -24.87
N SER A 203 5.01 31.27 -24.36
CA SER A 203 6.31 31.71 -23.82
C SER A 203 6.66 31.05 -22.48
N LEU A 204 5.65 30.47 -21.81
CA LEU A 204 5.82 29.95 -20.44
C LEU A 204 6.31 28.54 -20.37
N TYR A 205 6.47 27.87 -21.51
CA TYR A 205 6.93 26.49 -21.49
C TYR A 205 7.85 26.16 -22.65
N THR A 206 8.53 25.03 -22.55
CA THR A 206 9.37 24.51 -23.65
C THR A 206 8.86 23.12 -23.98
N GLY A 207 9.15 22.66 -25.18
CA GLY A 207 8.71 21.34 -25.60
C GLY A 207 7.21 21.28 -25.81
N SER A 208 6.66 20.07 -25.74
CA SER A 208 5.23 19.83 -25.98
C SER A 208 4.40 19.77 -24.72
N LEU A 209 3.11 20.08 -24.86
CA LEU A 209 2.13 19.90 -23.79
C LEU A 209 1.57 18.49 -23.95
N TRP A 210 1.48 17.77 -22.84
CA TRP A 210 0.90 16.42 -22.79
C TRP A 210 -0.28 16.48 -21.86
N TYR A 211 -1.39 15.88 -22.25
CA TYR A 211 -2.61 15.97 -21.47
C TYR A 211 -3.03 14.68 -20.81
N THR A 212 -3.53 14.79 -19.58
CA THR A 212 -4.09 13.69 -18.83
C THR A 212 -5.58 13.98 -18.60
N PRO A 213 -6.49 12.99 -18.66
CA PRO A 213 -7.90 13.30 -18.40
C PRO A 213 -8.18 13.77 -16.98
N ILE A 214 -9.16 14.66 -16.81
CA ILE A 214 -9.67 14.99 -15.48
C ILE A 214 -10.65 13.83 -15.23
N ARG A 215 -10.35 12.99 -14.25
CA ARG A 215 -11.13 11.77 -13.98
C ARG A 215 -12.57 12.08 -13.63
N ARG A 216 -12.75 13.09 -12.77
CA ARG A 216 -14.04 13.56 -12.30
C ARG A 216 -13.87 15.02 -11.92
N GLU A 217 -14.92 15.81 -12.17
CA GLU A 217 -14.90 17.25 -11.88
C GLU A 217 -15.38 17.57 -10.45
N TRP A 218 -14.44 17.59 -9.49
CA TRP A 218 -14.71 17.98 -8.10
C TRP A 218 -13.43 18.70 -7.70
N TYR A 219 -12.39 17.94 -7.30
CA TYR A 219 -11.02 18.43 -7.28
C TYR A 219 -10.57 18.26 -8.74
N TYR A 220 -9.34 18.69 -9.08
CA TYR A 220 -8.77 18.39 -10.37
C TYR A 220 -8.11 17.01 -10.24
N GLU A 221 -8.95 15.95 -10.35
CA GLU A 221 -8.53 14.57 -10.12
C GLU A 221 -7.90 13.94 -11.34
N VAL A 222 -6.73 13.26 -11.14
CA VAL A 222 -6.01 12.62 -12.23
C VAL A 222 -5.67 11.21 -11.83
N ILE A 223 -5.13 10.41 -12.78
CA ILE A 223 -4.70 9.05 -12.48
C ILE A 223 -3.22 8.87 -12.79
N ILE A 224 -2.44 8.49 -11.75
CA ILE A 224 -1.01 8.15 -11.88
C ILE A 224 -0.94 6.66 -12.17
N VAL A 225 -0.16 6.25 -13.18
CA VAL A 225 -0.13 4.85 -13.60
C VAL A 225 1.22 4.14 -13.32
N ARG A 226 2.27 4.90 -13.00
CA ARG A 226 3.59 4.33 -12.70
C ARG A 226 4.40 5.42 -12.01
N VAL A 227 5.31 5.01 -11.14
CA VAL A 227 6.21 5.94 -10.46
C VAL A 227 7.62 5.37 -10.56
N GLU A 228 8.59 6.23 -10.92
CA GLU A 228 10.00 5.82 -10.96
C GLU A 228 10.83 6.77 -10.12
N ILE A 229 11.91 6.23 -9.53
CA ILE A 229 12.88 7.02 -8.80
C ILE A 229 14.21 6.79 -9.55
N ASN A 230 14.75 7.80 -10.27
CA ASN A 230 15.97 7.58 -11.08
C ASN A 230 15.78 6.39 -12.06
N GLY A 231 14.60 6.34 -12.67
CA GLY A 231 14.31 5.29 -13.65
C GLY A 231 13.94 3.94 -13.06
N GLN A 232 14.06 3.78 -11.73
CA GLN A 232 13.73 2.50 -11.11
C GLN A 232 12.25 2.53 -10.73
N ASP A 233 11.51 1.54 -11.24
CA ASP A 233 10.09 1.41 -11.00
C ASP A 233 9.82 1.14 -9.51
N LEU A 234 8.94 1.95 -8.88
CA LEU A 234 8.57 1.73 -7.49
C LEU A 234 7.82 0.39 -7.35
N LYS A 235 7.25 -0.08 -8.46
CA LYS A 235 6.64 -1.41 -8.64
C LYS A 235 5.46 -1.71 -7.71
N MET A 236 4.71 -0.68 -7.34
CA MET A 236 3.51 -0.90 -6.52
C MET A 236 2.30 -1.08 -7.43
N ASP A 237 1.21 -1.73 -6.94
CA ASP A 237 -0.03 -1.85 -7.70
C ASP A 237 -0.45 -0.39 -7.93
N CYS A 238 -0.74 0.01 -9.18
CA CYS A 238 -1.01 1.42 -9.50
C CYS A 238 -2.19 2.00 -8.73
N LYS A 239 -3.11 1.13 -8.21
CA LYS A 239 -4.20 1.65 -7.36
C LYS A 239 -3.65 2.37 -6.14
N GLU A 240 -2.49 1.90 -5.62
CA GLU A 240 -1.90 2.50 -4.44
C GLU A 240 -1.53 3.99 -4.68
N TYR A 241 -1.12 4.32 -5.91
CA TYR A 241 -0.70 5.69 -6.20
C TYR A 241 -1.87 6.68 -6.18
N ASN A 242 -3.11 6.17 -6.35
CA ASN A 242 -4.31 7.01 -6.41
C ASN A 242 -5.25 6.69 -5.27
N TYR A 243 -4.70 6.21 -4.14
CA TYR A 243 -5.53 5.83 -3.00
C TYR A 243 -5.58 6.98 -1.99
N ASP A 244 -6.74 7.66 -1.78
CA ASP A 244 -8.06 7.42 -2.39
C ASP A 244 -8.38 8.32 -3.58
N LYS A 245 -7.45 9.23 -3.94
CA LYS A 245 -7.55 10.06 -5.12
C LYS A 245 -6.17 10.63 -5.38
N SER A 246 -5.97 11.20 -6.56
CA SER A 246 -4.76 11.97 -6.89
C SER A 246 -5.25 13.30 -7.43
N ILE A 247 -4.77 14.41 -6.88
CA ILE A 247 -5.25 15.72 -7.35
C ILE A 247 -4.10 16.67 -7.65
N VAL A 248 -4.40 17.73 -8.40
CA VAL A 248 -3.43 18.80 -8.70
C VAL A 248 -3.87 20.00 -7.88
N ASP A 249 -3.03 20.44 -6.92
CA ASP A 249 -3.44 21.43 -5.95
C ASP A 249 -2.38 22.51 -5.71
N SER A 250 -2.60 23.71 -6.30
CA SER A 250 -1.68 24.83 -6.12
C SER A 250 -1.64 25.36 -4.67
N GLY A 251 -2.65 25.02 -3.86
CA GLY A 251 -2.75 25.45 -2.47
C GLY A 251 -1.97 24.56 -1.50
N THR A 252 -1.40 23.45 -1.98
CA THR A 252 -0.56 22.56 -1.15
C THR A 252 0.89 22.83 -1.53
N THR A 253 1.78 22.87 -0.54
CA THR A 253 3.19 23.13 -0.82
C THR A 253 3.86 21.89 -1.39
N ASN A 254 3.72 20.76 -0.66
CA ASN A 254 4.47 19.56 -1.02
C ASN A 254 3.89 18.69 -2.09
N LEU A 255 4.71 17.69 -2.52
CA LEU A 255 4.21 16.54 -3.24
C LEU A 255 3.79 15.62 -2.07
N ARG A 256 2.49 15.32 -1.94
CA ARG A 256 2.04 14.46 -0.82
C ARG A 256 1.66 13.11 -1.41
N LEU A 257 2.12 12.01 -0.77
CA LEU A 257 1.86 10.68 -1.30
C LEU A 257 1.12 9.86 -0.26
N PRO A 258 0.26 8.94 -0.71
CA PRO A 258 -0.39 8.01 0.24
C PRO A 258 0.66 7.31 1.10
N LYS A 259 0.33 7.07 2.37
CA LYS A 259 1.24 6.45 3.34
C LYS A 259 2.16 5.36 2.75
N LYS A 260 1.58 4.31 2.15
CA LYS A 260 2.44 3.21 1.68
C LYS A 260 3.35 3.63 0.53
N VAL A 261 2.85 4.52 -0.31
CA VAL A 261 3.64 5.03 -1.46
C VAL A 261 4.76 5.90 -0.90
N PHE A 262 4.46 6.76 0.07
CA PHE A 262 5.47 7.58 0.70
C PHE A 262 6.57 6.73 1.32
N GLU A 263 6.17 5.68 2.08
CA GLU A 263 7.16 4.79 2.68
C GLU A 263 8.07 4.15 1.61
N ALA A 264 7.50 3.67 0.50
CA ALA A 264 8.30 3.06 -0.56
C ALA A 264 9.20 4.09 -1.27
N ALA A 265 8.63 5.28 -1.54
CA ALA A 265 9.39 6.35 -2.22
C ALA A 265 10.56 6.84 -1.38
N VAL A 266 10.32 7.11 -0.08
CA VAL A 266 11.40 7.59 0.79
CA VAL A 266 11.39 7.62 0.76
C VAL A 266 12.51 6.55 0.89
N LYS A 267 12.14 5.25 1.00
CA LYS A 267 13.19 4.23 1.04
C LYS A 267 14.06 4.30 -0.24
N SER A 268 13.41 4.45 -1.41
CA SER A 268 14.11 4.52 -2.68
C SER A 268 14.94 5.80 -2.80
N ILE A 269 14.40 6.95 -2.36
CA ILE A 269 15.14 8.21 -2.43
C ILE A 269 16.36 8.15 -1.48
N LYS A 270 16.16 7.58 -0.28
CA LYS A 270 17.30 7.37 0.66
C LYS A 270 18.38 6.49 0.01
N ALA A 271 17.98 5.39 -0.63
CA ALA A 271 18.94 4.48 -1.26
C ALA A 271 19.71 5.17 -2.38
N ALA A 272 19.01 5.99 -3.18
CA ALA A 272 19.68 6.70 -4.28
C ALA A 272 20.67 7.77 -3.79
N SER A 273 20.36 8.39 -2.64
CA SER A 273 21.17 9.47 -2.07
C SER A 273 22.09 8.97 -0.92
N SER A 274 22.30 7.64 -0.84
CA SER A 274 22.96 6.99 0.30
C SER A 274 24.41 7.40 0.52
N THR A 275 25.06 8.10 -0.44
CA THR A 275 26.42 8.60 -0.18
C THR A 275 26.45 9.67 0.91
N GLU A 276 25.29 10.24 1.28
CA GLU A 276 25.19 11.20 2.38
C GLU A 276 24.02 10.74 3.27
N LYS A 277 24.22 10.72 4.59
CA LYS A 277 23.20 10.31 5.54
C LYS A 277 22.51 11.56 6.09
N PHE A 278 21.18 11.55 6.08
CA PHE A 278 20.40 12.67 6.59
C PHE A 278 19.61 12.22 7.81
N PRO A 279 19.41 13.12 8.79
CA PRO A 279 18.65 12.71 10.00
C PRO A 279 17.20 12.39 9.70
N ASP A 280 16.56 11.60 10.56
CA ASP A 280 15.16 11.23 10.38
C ASP A 280 14.24 12.46 10.24
N GLY A 281 14.55 13.54 10.98
CA GLY A 281 13.77 14.78 10.93
C GLY A 281 13.76 15.43 9.56
N PHE A 282 14.83 15.19 8.77
CA PHE A 282 14.88 15.74 7.40
C PHE A 282 13.85 15.03 6.54
N TRP A 283 13.84 13.69 6.58
CA TRP A 283 12.93 12.88 5.78
C TRP A 283 11.48 13.06 6.18
N LEU A 284 11.25 13.55 7.43
CA LEU A 284 9.92 13.83 7.94
C LEU A 284 9.43 15.23 7.53
N GLY A 285 10.28 15.97 6.80
CA GLY A 285 9.95 17.32 6.32
C GLY A 285 9.98 18.40 7.38
N GLU A 286 10.49 18.08 8.58
CA GLU A 286 10.52 18.99 9.72
C GLU A 286 11.80 19.79 9.84
N GLN A 287 12.95 19.14 9.59
CA GLN A 287 14.27 19.69 9.82
C GLN A 287 14.94 20.10 8.53
N LEU A 288 15.60 21.26 8.54
CA LEU A 288 16.36 21.67 7.36
C LEU A 288 17.70 20.95 7.31
N VAL A 289 18.26 20.87 6.10
CA VAL A 289 19.60 20.37 5.84
C VAL A 289 20.31 21.53 5.16
N CYS A 290 21.57 21.79 5.53
CA CYS A 290 22.36 22.89 4.98
C CYS A 290 23.66 22.42 4.40
N TRP A 291 24.11 23.12 3.33
CA TRP A 291 25.42 22.90 2.75
C TRP A 291 26.13 24.24 2.59
N GLN A 292 27.46 24.21 2.58
CA GLN A 292 28.25 25.43 2.33
C GLN A 292 27.73 26.07 1.02
N ALA A 293 27.69 27.40 0.96
CA ALA A 293 27.20 28.14 -0.19
C ALA A 293 27.68 27.55 -1.53
N GLY A 294 26.71 27.23 -2.40
CA GLY A 294 26.96 26.74 -3.73
C GLY A 294 27.32 25.28 -3.87
N THR A 295 27.39 24.54 -2.75
CA THR A 295 27.84 23.14 -2.77
C THR A 295 26.73 22.11 -2.66
N THR A 296 25.45 22.52 -2.73
CA THR A 296 24.34 21.55 -2.64
C THR A 296 24.60 20.40 -3.64
N PRO A 297 24.64 19.14 -3.14
CA PRO A 297 24.99 18.02 -4.03
C PRO A 297 23.78 17.48 -4.78
N TRP A 298 23.23 18.34 -5.66
CA TRP A 298 22.04 17.94 -6.41
C TRP A 298 22.18 16.54 -7.03
N ASN A 299 23.38 16.25 -7.59
CA ASN A 299 23.60 15.00 -8.32
C ASN A 299 23.41 13.73 -7.50
N ILE A 300 23.47 13.82 -6.16
CA ILE A 300 23.29 12.58 -5.37
C ILE A 300 21.82 12.25 -5.20
N PHE A 301 20.96 13.26 -5.38
CA PHE A 301 19.51 13.08 -5.26
C PHE A 301 18.91 12.61 -6.59
N PRO A 302 17.94 11.71 -6.53
CA PRO A 302 17.37 11.18 -7.79
C PRO A 302 16.31 12.08 -8.41
N VAL A 303 16.05 11.86 -9.70
CA VAL A 303 14.88 12.49 -10.32
C VAL A 303 13.67 11.57 -9.98
N ILE A 304 12.45 12.14 -10.05
CA ILE A 304 11.23 11.39 -9.75
C ILE A 304 10.32 11.57 -10.94
N SER A 305 9.82 10.47 -11.48
CA SER A 305 8.90 10.52 -12.62
C SER A 305 7.57 9.98 -12.20
N LEU A 306 6.51 10.72 -12.56
CA LEU A 306 5.15 10.25 -12.35
C LEU A 306 4.58 10.07 -13.77
N TYR A 307 4.06 8.85 -14.05
CA TYR A 307 3.43 8.57 -15.34
C TYR A 307 1.96 8.81 -15.15
N LEU A 308 1.37 9.54 -16.09
CA LEU A 308 -0.05 9.89 -16.02
C LEU A 308 -0.79 9.27 -17.19
N MET A 309 -2.06 8.90 -16.98
CA MET A 309 -2.91 8.39 -18.05
C MET A 309 -2.96 9.40 -19.20
N GLY A 310 -2.83 8.93 -20.42
CA GLY A 310 -2.88 9.79 -21.60
C GLY A 310 -4.30 9.93 -22.13
N GLU A 311 -4.45 10.72 -23.19
CA GLU A 311 -5.78 10.92 -23.77
C GLU A 311 -6.14 9.81 -24.75
N VAL A 312 -5.11 9.15 -25.28
CA VAL A 312 -5.25 8.05 -26.22
C VAL A 312 -5.33 6.74 -25.44
N THR A 313 -6.21 5.81 -25.86
CA THR A 313 -6.37 4.51 -25.21
C THR A 313 -4.99 3.82 -25.11
N ASN A 314 -4.70 3.23 -23.95
CA ASN A 314 -3.46 2.47 -23.66
C ASN A 314 -2.16 3.29 -23.80
N GLN A 315 -2.26 4.60 -23.66
CA GLN A 315 -1.12 5.48 -23.77
C GLN A 315 -0.94 6.29 -22.49
N SER A 316 0.31 6.44 -22.05
CA SER A 316 0.60 7.29 -20.89
C SER A 316 1.75 8.24 -21.26
N PHE A 317 2.06 9.19 -20.38
CA PHE A 317 3.23 10.04 -20.59
C PHE A 317 3.82 10.22 -19.20
N ARG A 318 5.02 10.76 -19.10
CA ARG A 318 5.61 10.99 -17.77
C ARG A 318 6.02 12.42 -17.58
N ILE A 319 5.98 12.87 -16.33
CA ILE A 319 6.51 14.17 -15.89
C ILE A 319 7.65 13.83 -14.93
N THR A 320 8.80 14.49 -15.08
CA THR A 320 9.97 14.18 -14.28
C THR A 320 10.45 15.43 -13.60
N ILE A 321 10.60 15.35 -12.27
CA ILE A 321 11.06 16.48 -11.49
C ILE A 321 12.41 16.17 -10.92
N LEU A 322 13.12 17.23 -10.55
CA LEU A 322 14.46 17.14 -10.01
C LEU A 322 14.43 17.41 -8.52
N PRO A 323 15.55 17.14 -7.80
CA PRO A 323 15.62 17.58 -6.39
C PRO A 323 15.48 19.11 -6.26
N GLN A 324 15.79 19.90 -7.32
CA GLN A 324 15.59 21.36 -7.25
C GLN A 324 14.09 21.69 -7.09
N GLN A 325 13.18 20.75 -7.43
CA GLN A 325 11.76 20.94 -7.17
C GLN A 325 11.39 20.39 -5.80
N TYR A 326 11.88 19.18 -5.40
CA TYR A 326 11.37 18.59 -4.16
C TYR A 326 12.19 18.91 -2.90
N LEU A 327 13.27 19.67 -3.05
CA LEU A 327 14.02 20.24 -1.90
C LEU A 327 13.66 21.73 -1.89
N ARG A 328 12.89 22.14 -0.89
CA ARG A 328 12.39 23.52 -0.82
C ARG A 328 13.38 24.46 -0.11
N PRO A 329 13.87 25.52 -0.79
CA PRO A 329 14.83 26.42 -0.14
C PRO A 329 14.24 27.15 1.06
N VAL A 330 15.02 27.18 2.14
CA VAL A 330 14.62 27.85 3.38
C VAL A 330 15.84 28.61 3.94
N GLU A 331 15.61 29.68 4.69
CA GLU A 331 16.73 30.37 5.33
C GLU A 331 17.11 29.56 6.57
N ASP A 332 18.40 29.58 6.90
CA ASP A 332 18.99 28.86 8.05
C ASP A 332 18.32 29.21 9.39
N SER A 336 23.54 32.73 8.33
CA SER A 336 24.66 32.05 7.67
C SER A 336 24.58 32.25 6.16
N GLN A 337 25.66 31.87 5.46
CA GLN A 337 25.70 31.92 4.02
C GLN A 337 25.47 30.54 3.43
N ASP A 338 25.05 29.57 4.25
CA ASP A 338 24.78 28.23 3.74
C ASP A 338 23.53 28.21 2.85
N ASP A 339 23.42 27.19 1.99
CA ASP A 339 22.22 26.94 1.19
C ASP A 339 21.49 25.80 1.90
N CYS A 340 20.29 26.10 2.40
CA CYS A 340 19.47 25.20 3.20
C CYS A 340 18.15 24.86 2.55
N TYR A 341 17.64 23.67 2.87
CA TYR A 341 16.40 23.16 2.27
C TYR A 341 15.64 22.27 3.22
N LYS A 342 14.33 22.15 2.96
CA LYS A 342 13.49 21.17 3.62
C LYS A 342 13.04 20.16 2.57
N PHE A 343 12.86 18.90 2.97
CA PHE A 343 12.37 17.86 2.06
C PHE A 343 10.86 18.11 1.89
N ALA A 344 10.42 18.32 0.66
CA ALA A 344 9.03 18.71 0.36
C ALA A 344 8.22 17.61 -0.25
N ILE A 345 8.48 16.37 0.22
CA ILE A 345 7.67 15.22 -0.10
C ILE A 345 7.20 14.71 1.26
N SER A 346 5.89 14.50 1.40
CA SER A 346 5.34 14.09 2.70
C SER A 346 4.19 13.14 2.55
N GLN A 347 3.82 12.50 3.66
CA GLN A 347 2.78 11.50 3.68
C GLN A 347 1.39 12.14 3.69
N SER A 348 0.43 11.41 3.15
CA SER A 348 -0.97 11.80 3.12
C SER A 348 -1.86 10.59 3.47
N SER A 349 -3.02 10.86 4.10
CA SER A 349 -4.03 9.82 4.34
C SER A 349 -5.25 10.13 3.44
N THR A 350 -5.14 11.17 2.57
CA THR A 350 -6.21 11.61 1.67
C THR A 350 -5.81 11.59 0.20
N GLY A 351 -4.86 10.72 -0.15
CA GLY A 351 -4.44 10.53 -1.53
C GLY A 351 -3.23 11.35 -1.95
N THR A 352 -2.86 11.23 -3.22
CA THR A 352 -1.73 11.99 -3.72
C THR A 352 -2.13 13.42 -3.92
N VAL A 353 -1.23 14.35 -3.57
CA VAL A 353 -1.47 15.77 -3.88
C VAL A 353 -0.26 16.28 -4.65
N MET A 354 -0.46 16.67 -5.90
CA MET A 354 0.61 17.28 -6.69
C MET A 354 0.55 18.77 -6.38
N GLY A 355 1.31 19.17 -5.35
CA GLY A 355 1.36 20.52 -4.82
C GLY A 355 2.32 21.41 -5.57
N ALA A 356 2.59 22.56 -4.99
CA ALA A 356 3.41 23.59 -5.60
C ALA A 356 4.77 23.12 -5.96
N VAL A 357 5.39 22.22 -5.18
CA VAL A 357 6.75 21.82 -5.55
C VAL A 357 6.74 20.93 -6.86
N ILE A 358 5.63 20.20 -7.21
CA ILE A 358 5.44 19.54 -8.52
C ILE A 358 5.15 20.65 -9.57
N MET A 359 4.17 21.51 -9.26
CA MET A 359 3.74 22.55 -10.20
C MET A 359 4.85 23.52 -10.59
N GLU A 360 5.85 23.74 -9.71
CA GLU A 360 6.98 24.62 -10.06
C GLU A 360 7.84 24.06 -11.20
N GLY A 361 7.74 22.76 -11.47
CA GLY A 361 8.52 22.20 -12.58
C GLY A 361 7.84 22.39 -13.92
N PHE A 362 6.53 22.69 -13.90
CA PHE A 362 5.73 22.63 -15.13
C PHE A 362 4.81 23.76 -15.33
N TYR A 363 4.47 23.99 -16.59
CA TYR A 363 3.38 24.87 -16.95
C TYR A 363 2.17 23.92 -16.98
N VAL A 364 1.13 24.24 -16.20
CA VAL A 364 -0.02 23.34 -16.04
C VAL A 364 -1.27 23.98 -16.61
N VAL A 365 -1.90 23.30 -17.57
CA VAL A 365 -3.09 23.82 -18.25
C VAL A 365 -4.34 23.13 -17.72
N PHE A 366 -5.25 23.90 -17.10
CA PHE A 366 -6.48 23.35 -16.53
C PHE A 366 -7.54 23.55 -17.59
N ASP A 367 -7.58 22.58 -18.54
CA ASP A 367 -8.48 22.67 -19.68
C ASP A 367 -9.84 22.11 -19.30
N ARG A 368 -10.62 22.94 -18.62
CA ARG A 368 -11.95 22.53 -18.16
C ARG A 368 -12.88 22.20 -19.32
N ALA A 369 -12.79 22.97 -20.40
CA ALA A 369 -13.65 22.77 -21.59
C ALA A 369 -13.50 21.37 -22.18
N ARG A 370 -12.27 20.82 -22.16
CA ARG A 370 -11.97 19.48 -22.71
C ARG A 370 -11.68 18.45 -21.61
N LYS A 371 -12.02 18.77 -20.34
CA LYS A 371 -11.90 17.85 -19.19
C LYS A 371 -10.52 17.17 -19.17
N ARG A 372 -9.47 18.01 -19.24
CA ARG A 372 -8.11 17.49 -19.27
C ARG A 372 -7.12 18.46 -18.64
N ILE A 373 -5.99 17.94 -18.15
CA ILE A 373 -4.94 18.80 -17.57
C ILE A 373 -3.68 18.58 -18.40
N GLY A 374 -3.09 19.69 -18.87
CA GLY A 374 -1.87 19.62 -19.66
C GLY A 374 -0.65 19.96 -18.86
N PHE A 375 0.48 19.31 -19.17
CA PHE A 375 1.77 19.56 -18.53
C PHE A 375 2.82 19.77 -19.61
N ALA A 376 3.66 20.75 -19.39
CA ALA A 376 4.84 21.01 -20.22
C ALA A 376 5.95 21.48 -19.30
N VAL A 377 7.21 21.29 -19.69
CA VAL A 377 8.33 21.79 -18.90
C VAL A 377 8.23 23.31 -18.74
N SER A 378 8.29 23.80 -17.51
CA SER A 378 8.20 25.24 -17.29
C SER A 378 9.46 25.97 -17.72
N ALA A 379 9.27 27.14 -18.37
CA ALA A 379 10.36 28.03 -18.74
C ALA A 379 11.05 28.61 -17.46
N CYS A 380 10.41 28.51 -16.27
CA CYS A 380 11.01 29.03 -15.05
C CYS A 380 11.40 27.92 -14.04
N HIS A 381 11.44 26.64 -14.48
CA HIS A 381 11.85 25.63 -13.49
C HIS A 381 13.33 25.74 -13.13
N VAL A 382 13.64 25.46 -11.89
CA VAL A 382 15.02 25.51 -11.41
C VAL A 382 15.71 24.19 -11.79
N HIS A 383 16.92 24.31 -12.34
CA HIS A 383 17.67 23.09 -12.70
C HIS A 383 19.16 23.39 -12.63
N ASP A 384 19.98 22.45 -13.09
CA ASP A 384 21.42 22.67 -13.13
C ASP A 384 21.89 22.40 -14.57
N GLU A 385 23.21 22.40 -14.80
CA GLU A 385 23.71 22.21 -16.16
C GLU A 385 23.61 20.75 -16.64
N PHE A 386 23.35 19.82 -15.71
CA PHE A 386 23.35 18.42 -16.06
C PHE A 386 22.01 17.78 -16.27
N ARG A 387 20.96 18.28 -15.59
CA ARG A 387 19.65 17.66 -15.68
C ARG A 387 18.58 18.75 -15.77
N THR A 388 17.48 18.42 -16.41
CA THR A 388 16.31 19.31 -16.48
C THR A 388 15.04 18.51 -16.16
N ALA A 389 13.97 19.24 -15.77
CA ALA A 389 12.67 18.58 -15.64
C ALA A 389 12.27 18.15 -17.07
N ALA A 390 11.31 17.24 -17.17
CA ALA A 390 10.91 16.72 -18.48
C ALA A 390 9.45 16.34 -18.52
N VAL A 391 8.87 16.37 -19.71
CA VAL A 391 7.51 15.86 -19.98
C VAL A 391 7.67 15.07 -21.26
N GLU A 392 7.50 13.74 -21.18
CA GLU A 392 7.83 12.88 -22.33
C GLU A 392 6.79 11.83 -22.55
N GLY A 393 6.67 11.41 -23.81
CA GLY A 393 5.77 10.31 -24.14
C GLY A 393 5.80 10.04 -25.63
N PRO A 394 4.97 9.10 -26.09
CA PRO A 394 4.06 8.28 -25.29
C PRO A 394 4.69 6.96 -24.85
N PHE A 395 4.04 6.30 -23.90
CA PHE A 395 4.40 4.99 -23.43
C PHE A 395 3.19 4.11 -23.54
N VAL A 396 3.40 2.85 -23.87
CA VAL A 396 2.28 1.91 -23.91
C VAL A 396 1.97 1.44 -22.48
N THR A 397 0.74 1.70 -21.99
CA THR A 397 0.36 1.29 -20.64
C THR A 397 -1.01 0.66 -20.70
N LEU A 398 -1.14 -0.57 -20.19
CA LEU A 398 -2.42 -1.28 -20.22
C LEU A 398 -3.19 -1.15 -18.92
N ASP A 399 -4.53 -1.37 -18.98
CA ASP A 399 -5.47 -1.37 -17.83
C ASP A 399 -5.34 -0.17 -16.88
N MET A 400 -5.20 1.02 -17.46
CA MET A 400 -5.03 2.26 -16.69
C MET A 400 -6.25 2.64 -15.85
N GLU A 401 -7.45 2.25 -16.31
CA GLU A 401 -8.71 2.50 -15.59
C GLU A 401 -8.67 1.78 -14.23
N ASP A 402 -7.95 0.62 -14.17
CA ASP A 402 -7.75 -0.17 -12.94
C ASP A 402 -6.93 0.59 -11.91
N CYS A 403 -6.19 1.64 -12.32
CA CYS A 403 -5.37 2.43 -11.38
C CYS A 403 -6.21 3.38 -10.53
N GLY A 404 -7.43 3.67 -10.99
CA GLY A 404 -8.31 4.57 -10.24
C GLY A 404 -8.96 3.87 -9.07
N TYR A 405 -9.08 4.58 -7.94
CA TYR A 405 -9.73 4.05 -6.74
C TYR A 405 -11.24 4.27 -6.76
N ASN A 406 -12.01 3.27 -6.28
CA ASN A 406 -13.47 3.35 -6.13
C ASN A 406 -13.84 2.96 -4.69
N ILE A 407 -14.85 3.65 -4.12
CA ILE A 407 -15.44 3.47 -2.78
C ILE A 407 -14.55 4.07 -1.69
N GLY B 18 3.42 -38.96 24.81
CA GLY B 18 2.34 -39.36 23.92
C GLY B 18 1.05 -38.57 24.03
N SER B 19 0.91 -37.81 25.14
CA SER B 19 -0.25 -36.97 25.48
C SER B 19 0.25 -35.62 26.02
N PHE B 20 -0.15 -34.53 25.35
CA PHE B 20 0.28 -33.17 25.65
C PHE B 20 -0.95 -32.32 25.77
N VAL B 21 -1.78 -32.63 26.78
CA VAL B 21 -3.08 -32.02 27.03
C VAL B 21 -3.02 -30.49 27.10
N GLU B 22 -1.96 -29.92 27.71
CA GLU B 22 -1.77 -28.47 27.84
C GLU B 22 -1.66 -27.76 26.46
N MET B 23 -1.22 -28.51 25.44
CA MET B 23 -1.04 -27.95 24.10
C MET B 23 -2.13 -28.32 23.11
N VAL B 24 -2.92 -29.36 23.40
CA VAL B 24 -4.00 -29.71 22.48
C VAL B 24 -5.01 -28.55 22.42
N ASP B 25 -5.47 -28.21 21.19
CA ASP B 25 -6.48 -27.19 20.94
C ASP B 25 -5.96 -25.78 21.24
N ASN B 26 -4.65 -25.55 21.04
CA ASN B 26 -4.08 -24.22 21.31
C ASN B 26 -4.05 -23.32 20.07
N LEU B 27 -4.57 -23.79 18.92
CA LEU B 27 -4.62 -22.94 17.73
C LEU B 27 -6.02 -22.46 17.42
N ARG B 28 -6.09 -21.32 16.71
CA ARG B 28 -7.33 -20.77 16.19
C ARG B 28 -7.03 -20.28 14.78
N GLY B 29 -8.09 -20.05 14.01
CA GLY B 29 -7.93 -19.55 12.66
C GLY B 29 -8.54 -20.45 11.61
N LYS B 30 -8.15 -20.21 10.36
CA LYS B 30 -8.67 -20.95 9.22
C LYS B 30 -7.67 -20.85 8.08
N SER B 31 -7.79 -21.71 7.03
CA SER B 31 -6.77 -21.77 5.98
C SER B 31 -6.49 -20.46 5.22
N GLY B 32 -7.55 -19.71 4.96
CA GLY B 32 -7.47 -18.45 4.22
C GLY B 32 -6.81 -17.30 4.95
N GLN B 33 -6.94 -17.24 6.29
CA GLN B 33 -6.39 -16.15 7.09
C GLN B 33 -5.24 -16.60 8.01
N GLY B 34 -4.96 -17.89 8.02
CA GLY B 34 -3.89 -18.50 8.79
C GLY B 34 -4.32 -19.01 10.15
N TYR B 35 -3.49 -19.86 10.73
CA TYR B 35 -3.72 -20.45 12.06
C TYR B 35 -2.74 -19.82 13.02
N TYR B 36 -3.23 -19.44 14.21
CA TYR B 36 -2.34 -18.72 15.12
C TYR B 36 -2.37 -19.30 16.51
N VAL B 37 -1.29 -19.02 17.26
CA VAL B 37 -1.13 -19.46 18.65
C VAL B 37 -0.91 -18.23 19.54
N GLU B 38 -1.36 -18.31 20.80
CA GLU B 38 -1.13 -17.16 21.68
C GLU B 38 0.31 -17.19 22.16
N MET B 39 0.95 -16.00 22.22
CA MET B 39 2.30 -15.91 22.81
C MET B 39 2.34 -14.68 23.70
N THR B 40 3.36 -14.59 24.55
CA THR B 40 3.59 -13.35 25.30
C THR B 40 5.00 -12.87 25.04
N VAL B 41 5.15 -11.56 24.98
CA VAL B 41 6.47 -10.94 24.77
C VAL B 41 6.67 -9.85 25.83
N GLY B 42 7.88 -9.77 26.36
CA GLY B 42 8.25 -8.71 27.28
C GLY B 42 7.93 -8.93 28.75
N SER B 43 8.34 -7.92 29.56
CA SER B 43 8.13 -7.93 31.00
C SER B 43 7.56 -6.57 31.41
N PRO B 44 6.32 -6.51 31.94
CA PRO B 44 5.37 -7.61 32.15
C PRO B 44 4.91 -8.19 30.80
N PRO B 45 4.40 -9.42 30.78
CA PRO B 45 4.06 -10.03 29.48
C PRO B 45 2.97 -9.32 28.71
N GLN B 46 3.21 -9.14 27.38
CA GLN B 46 2.26 -8.56 26.46
C GLN B 46 1.76 -9.72 25.60
N THR B 47 0.45 -9.99 25.69
CA THR B 47 -0.16 -11.07 24.94
C THR B 47 -0.38 -10.66 23.49
N LEU B 48 0.02 -11.56 22.55
CA LEU B 48 -0.25 -11.35 21.12
C LEU B 48 -0.64 -12.71 20.52
N ASN B 49 -1.42 -12.65 19.44
CA ASN B 49 -1.78 -13.83 18.65
C ASN B 49 -0.79 -13.88 17.50
N ILE B 50 -0.18 -15.06 17.28
CA ILE B 50 0.93 -15.17 16.35
C ILE B 50 0.69 -16.25 15.32
N LEU B 51 0.73 -15.87 14.02
CA LEU B 51 0.56 -16.81 12.90
C LEU B 51 1.66 -17.90 12.95
N VAL B 52 1.28 -19.18 12.84
CA VAL B 52 2.23 -20.29 12.81
C VAL B 52 2.62 -20.46 11.34
N ASP B 53 3.90 -20.15 11.00
CA ASP B 53 4.38 -20.17 9.63
C ASP B 53 5.60 -21.08 9.42
N THR B 54 5.37 -22.28 8.84
CA THR B 54 6.50 -23.16 8.56
C THR B 54 7.24 -22.76 7.27
N GLY B 55 6.78 -21.69 6.60
CA GLY B 55 7.37 -21.19 5.36
C GLY B 55 8.31 -20.00 5.53
N SER B 56 8.64 -19.63 6.79
CA SER B 56 9.60 -18.53 7.03
C SER B 56 10.32 -18.80 8.35
N SER B 57 11.30 -17.96 8.70
CA SER B 57 12.13 -18.28 9.87
C SER B 57 12.39 -17.09 10.78
N ASN B 58 11.57 -16.03 10.68
CA ASN B 58 11.68 -14.89 11.61
C ASN B 58 10.49 -14.84 12.55
N PHE B 59 10.73 -14.38 13.79
CA PHE B 59 9.65 -14.07 14.72
C PHE B 59 9.47 -12.55 14.63
N ALA B 60 8.33 -12.10 14.12
CA ALA B 60 8.11 -10.68 13.90
C ALA B 60 6.75 -10.32 14.36
N VAL B 61 6.64 -9.17 15.03
CA VAL B 61 5.38 -8.72 15.58
C VAL B 61 5.08 -7.27 15.24
N GLY B 62 3.80 -6.95 15.05
CA GLY B 62 3.39 -5.55 14.90
C GLY B 62 3.86 -4.78 16.12
N ALA B 63 4.50 -3.62 15.89
CA ALA B 63 5.07 -2.83 17.00
C ALA B 63 4.77 -1.36 16.85
N ALA B 64 3.73 -1.07 16.07
CA ALA B 64 3.28 0.30 15.82
C ALA B 64 1.82 0.21 15.38
N PRO B 65 1.02 1.27 15.64
CA PRO B 65 -0.41 1.19 15.24
C PRO B 65 -0.59 0.89 13.76
N HIS B 66 -1.62 0.08 13.47
CA HIS B 66 -1.98 -0.29 12.10
C HIS B 66 -3.51 -0.41 12.08
N PRO B 67 -4.19 0.02 10.99
CA PRO B 67 -5.67 -0.08 10.98
C PRO B 67 -6.23 -1.48 11.29
N PHE B 68 -5.47 -2.56 10.98
CA PHE B 68 -5.95 -3.93 11.18
C PHE B 68 -5.48 -4.58 12.49
N LEU B 69 -4.77 -3.81 13.35
CA LEU B 69 -4.27 -4.35 14.62
C LEU B 69 -5.01 -3.68 15.76
N HIS B 70 -5.48 -4.46 16.77
CA HIS B 70 -6.11 -3.87 17.96
C HIS B 70 -5.12 -3.87 19.12
N ARG B 71 -3.95 -4.49 18.89
CA ARG B 71 -2.85 -4.47 19.85
C ARG B 71 -1.53 -4.68 19.13
N TYR B 72 -0.43 -4.27 19.79
CA TYR B 72 0.90 -4.41 19.20
C TYR B 72 1.93 -4.41 20.31
N TYR B 73 3.15 -4.84 19.96
CA TYR B 73 4.23 -4.91 20.92
C TYR B 73 4.73 -3.50 21.20
N GLN B 74 4.76 -3.15 22.49
CA GLN B 74 5.20 -1.83 22.97
C GLN B 74 6.54 -2.01 23.70
N ARG B 75 7.63 -1.85 22.95
CA ARG B 75 8.97 -2.09 23.47
C ARG B 75 9.31 -1.21 24.68
N GLN B 76 8.83 0.05 24.66
CA GLN B 76 9.11 0.98 25.77
C GLN B 76 8.48 0.53 27.10
N LEU B 77 7.50 -0.41 27.02
CA LEU B 77 6.84 -0.93 28.24
C LEU B 77 7.44 -2.24 28.74
N SER B 78 8.47 -2.75 28.04
CA SER B 78 9.10 -3.98 28.46
C SER B 78 10.47 -3.72 29.07
N SER B 79 10.64 -4.11 30.33
CA SER B 79 11.88 -3.91 31.05
C SER B 79 13.01 -4.81 30.54
N THR B 80 12.64 -5.90 29.82
CA THR B 80 13.59 -6.89 29.33
C THR B 80 13.88 -6.71 27.84
N TYR B 81 13.31 -5.68 27.23
CA TYR B 81 13.61 -5.38 25.84
C TYR B 81 15.10 -5.00 25.68
N ARG B 82 15.73 -5.55 24.64
CA ARG B 82 17.11 -5.22 24.28
C ARG B 82 17.13 -4.83 22.81
N ASP B 83 17.64 -3.64 22.51
CA ASP B 83 17.68 -3.12 21.16
C ASP B 83 18.93 -3.63 20.46
N LEU B 84 18.76 -4.29 19.30
CA LEU B 84 19.91 -4.80 18.54
C LEU B 84 20.47 -3.72 17.60
N ARG B 85 19.83 -2.53 17.53
CA ARG B 85 20.26 -1.38 16.71
C ARG B 85 20.47 -1.79 15.27
N LYS B 86 19.50 -2.52 14.71
CA LYS B 86 19.63 -3.03 13.35
C LYS B 86 18.24 -3.17 12.75
N GLY B 87 18.12 -2.74 11.53
CA GLY B 87 16.86 -2.84 10.81
C GLY B 87 16.77 -4.14 10.04
N VAL B 88 15.56 -4.45 9.57
CA VAL B 88 15.33 -5.62 8.76
C VAL B 88 14.19 -5.27 7.79
N TYR B 89 14.44 -5.47 6.50
CA TYR B 89 13.47 -5.16 5.46
C TYR B 89 13.18 -6.43 4.68
N VAL B 90 11.90 -6.81 4.64
CA VAL B 90 11.50 -8.05 4.03
C VAL B 90 10.44 -7.88 2.95
N PRO B 91 10.85 -7.54 1.70
CA PRO B 91 9.86 -7.50 0.61
C PRO B 91 9.70 -8.94 0.08
N TYR B 92 8.49 -9.40 -0.15
CA TYR B 92 8.28 -10.75 -0.66
C TYR B 92 7.27 -10.63 -1.80
N THR B 93 6.88 -11.74 -2.44
CA THR B 93 6.01 -11.61 -3.62
C THR B 93 4.70 -10.88 -3.33
N GLN B 94 3.92 -11.35 -2.37
CA GLN B 94 2.60 -10.77 -2.13
C GLN B 94 2.56 -9.58 -1.18
N GLY B 95 3.70 -9.18 -0.62
CA GLY B 95 3.68 -8.10 0.36
C GLY B 95 5.05 -7.73 0.88
N LYS B 96 5.08 -6.94 1.97
CA LYS B 96 6.36 -6.50 2.56
C LYS B 96 6.15 -6.19 4.03
N TRP B 97 7.25 -6.27 4.78
CA TRP B 97 7.27 -5.74 6.12
C TRP B 97 8.63 -5.22 6.43
N GLU B 98 8.69 -4.24 7.31
CA GLU B 98 9.96 -3.67 7.71
C GLU B 98 9.96 -3.50 9.21
N GLY B 99 11.09 -3.81 9.84
CA GLY B 99 11.15 -3.71 11.28
C GLY B 99 12.52 -3.40 11.85
N GLU B 100 12.51 -3.34 13.18
CA GLU B 100 13.70 -3.08 14.00
C GLU B 100 13.95 -4.30 14.84
N LEU B 101 15.19 -4.80 14.80
CA LEU B 101 15.56 -6.00 15.54
C LEU B 101 15.87 -5.73 17.01
N GLY B 102 15.48 -6.67 17.83
CA GLY B 102 15.74 -6.63 19.27
C GLY B 102 15.56 -8.02 19.83
N THR B 103 15.75 -8.16 21.14
CA THR B 103 15.47 -9.44 21.81
C THR B 103 14.57 -9.13 23.01
N ASP B 104 13.85 -10.14 23.48
CA ASP B 104 13.01 -10.03 24.68
C ASP B 104 12.68 -11.42 25.17
N LEU B 105 12.03 -11.51 26.34
CA LEU B 105 11.60 -12.77 26.91
C LEU B 105 10.25 -13.12 26.32
N VAL B 106 10.15 -14.36 25.85
CA VAL B 106 8.97 -14.83 25.12
C VAL B 106 8.49 -16.14 25.72
N SER B 107 7.17 -16.26 25.85
CA SER B 107 6.54 -17.49 26.35
C SER B 107 5.35 -17.88 25.45
N ILE B 108 4.93 -19.14 25.55
CA ILE B 108 3.76 -19.65 24.84
C ILE B 108 2.83 -20.18 25.95
N PRO B 109 1.80 -19.39 26.33
CA PRO B 109 0.94 -19.80 27.47
C PRO B 109 0.40 -21.23 27.38
N HIS B 110 -0.02 -21.65 26.17
CA HIS B 110 -0.50 -23.02 25.95
C HIS B 110 0.57 -23.80 25.21
N GLY B 111 1.78 -23.76 25.74
CA GLY B 111 2.96 -24.40 25.17
C GLY B 111 3.78 -24.99 26.30
N PRO B 112 5.09 -25.22 26.10
CA PRO B 112 5.90 -25.73 27.23
C PRO B 112 6.04 -24.66 28.31
N ASN B 113 6.18 -25.10 29.55
CA ASN B 113 6.27 -24.19 30.69
C ASN B 113 7.69 -23.60 30.77
N VAL B 114 8.06 -22.80 29.75
CA VAL B 114 9.42 -22.22 29.66
C VAL B 114 9.33 -20.77 29.17
N THR B 115 10.39 -19.98 29.41
CA THR B 115 10.49 -18.61 28.91
C THR B 115 11.83 -18.54 28.21
N VAL B 116 11.86 -18.03 26.97
CA VAL B 116 13.05 -17.98 26.12
C VAL B 116 13.44 -16.53 25.89
N ARG B 117 14.75 -16.28 25.76
CA ARG B 117 15.21 -14.98 25.31
C ARG B 117 15.34 -15.18 23.77
N ALA B 118 14.50 -14.48 22.99
CA ALA B 118 14.48 -14.69 21.54
C ALA B 118 14.59 -13.40 20.77
N ASN B 119 15.05 -13.52 19.51
CA ASN B 119 15.04 -12.39 18.58
C ASN B 119 13.61 -12.02 18.22
N ILE B 120 13.32 -10.73 18.12
CA ILE B 120 12.02 -10.24 17.71
C ILE B 120 12.22 -9.10 16.74
N ALA B 121 11.57 -9.18 15.58
CA ALA B 121 11.58 -8.08 14.64
C ALA B 121 10.31 -7.30 14.93
N ALA B 122 10.49 -6.06 15.39
CA ALA B 122 9.40 -5.16 15.72
C ALA B 122 8.94 -4.45 14.44
N ILE B 123 7.82 -4.87 13.87
CA ILE B 123 7.33 -4.33 12.60
C ILE B 123 6.82 -2.93 12.72
N THR B 124 7.45 -1.99 11.97
CA THR B 124 7.05 -0.58 12.00
C THR B 124 6.31 -0.13 10.74
N GLU B 125 6.52 -0.83 9.62
CA GLU B 125 5.91 -0.54 8.32
C GLU B 125 5.58 -1.85 7.64
N SER B 126 4.45 -1.91 6.91
CA SER B 126 4.09 -3.14 6.21
C SER B 126 3.15 -2.86 5.02
N ASP B 127 3.08 -3.81 4.11
CA ASP B 127 2.27 -3.66 2.89
C ASP B 127 1.62 -5.03 2.64
N LYS B 128 0.28 -5.11 2.76
CA LYS B 128 -0.49 -6.35 2.52
C LYS B 128 0.02 -7.51 3.38
N PHE B 129 0.54 -7.20 4.58
CA PHE B 129 1.05 -8.22 5.50
C PHE B 129 -0.04 -8.59 6.48
N PHE B 130 -0.52 -7.61 7.26
CA PHE B 130 -1.60 -7.85 8.20
C PHE B 130 -2.89 -8.10 7.39
N ILE B 131 -3.77 -8.96 7.91
CA ILE B 131 -5.04 -9.30 7.26
C ILE B 131 -6.15 -8.76 8.12
N ASN B 132 -7.05 -7.96 7.52
CA ASN B 132 -8.21 -7.42 8.24
C ASN B 132 -9.12 -8.56 8.75
N GLY B 133 -9.25 -8.65 10.07
CA GLY B 133 -10.07 -9.63 10.77
C GLY B 133 -9.45 -11.00 11.04
N SER B 134 -8.12 -11.16 10.79
CA SER B 134 -7.41 -12.44 11.01
C SER B 134 -7.20 -12.77 12.49
N ASN B 135 -7.19 -11.74 13.34
CA ASN B 135 -6.97 -11.80 14.78
C ASN B 135 -5.51 -12.08 15.17
N TRP B 136 -4.55 -12.04 14.22
CA TRP B 136 -3.14 -12.22 14.61
C TRP B 136 -2.35 -10.93 14.41
N GLU B 137 -1.32 -10.74 15.23
CA GLU B 137 -0.55 -9.50 15.29
C GLU B 137 0.94 -9.72 14.99
N GLY B 138 1.29 -10.95 14.66
CA GLY B 138 2.69 -11.25 14.33
C GLY B 138 2.78 -12.62 13.70
N ILE B 139 4.01 -13.02 13.38
CA ILE B 139 4.28 -14.29 12.70
C ILE B 139 5.42 -15.02 13.37
N LEU B 140 5.25 -16.34 13.56
CA LEU B 140 6.27 -17.21 14.10
C LEU B 140 6.81 -18.09 12.98
N GLY B 141 7.95 -17.66 12.42
CA GLY B 141 8.63 -18.42 11.38
C GLY B 141 9.33 -19.62 11.99
N LEU B 142 8.85 -20.82 11.65
CA LEU B 142 9.36 -22.07 12.21
C LEU B 142 10.37 -22.81 11.34
N ALA B 143 10.71 -22.26 10.17
CA ALA B 143 11.69 -22.92 9.31
C ALA B 143 13.14 -22.61 9.78
N TYR B 144 14.14 -22.97 8.98
CA TYR B 144 15.54 -22.91 9.42
C TYR B 144 16.24 -21.57 9.21
N ALA B 145 17.37 -21.39 9.95
CA ALA B 145 18.15 -20.16 9.90
C ALA B 145 18.62 -19.73 8.53
N GLU B 146 18.83 -20.70 7.60
CA GLU B 146 19.27 -20.34 6.25
C GLU B 146 18.43 -19.24 5.58
N ILE B 147 17.08 -19.24 5.82
CA ILE B 147 16.19 -18.30 5.18
C ILE B 147 15.73 -17.15 6.12
N ALA B 148 16.38 -17.04 7.31
CA ALA B 148 16.10 -15.95 8.23
C ALA B 148 16.63 -14.63 7.66
N ARG B 149 15.96 -13.52 7.99
CA ARG B 149 16.38 -12.20 7.54
C ARG B 149 16.90 -11.43 8.74
N PRO B 150 17.90 -10.55 8.55
CA PRO B 150 18.60 -10.20 7.29
C PRO B 150 19.49 -11.31 6.75
N ASP B 151 19.92 -12.22 7.63
CA ASP B 151 20.76 -13.35 7.26
C ASP B 151 20.68 -14.46 8.28
N ASP B 152 21.39 -15.57 8.04
CA ASP B 152 21.35 -16.76 8.87
C ASP B 152 21.98 -16.62 10.26
N SER B 153 22.55 -15.45 10.60
CA SER B 153 23.06 -15.27 11.96
C SER B 153 21.94 -14.93 12.95
N LEU B 154 20.73 -14.55 12.44
CA LEU B 154 19.61 -14.20 13.31
C LEU B 154 18.89 -15.47 13.69
N GLU B 155 19.21 -15.99 14.87
CA GLU B 155 18.70 -17.26 15.34
C GLU B 155 17.16 -17.31 15.36
N PRO B 156 16.54 -18.29 14.66
CA PRO B 156 15.06 -18.39 14.70
C PRO B 156 14.56 -18.78 16.10
N PHE B 157 13.29 -18.47 16.38
CA PHE B 157 12.69 -18.77 17.67
C PHE B 157 12.86 -20.23 18.10
N PHE B 158 12.51 -21.19 17.24
CA PHE B 158 12.56 -22.60 17.64
C PHE B 158 13.99 -23.04 17.99
N ASP B 159 14.99 -22.49 17.27
CA ASP B 159 16.41 -22.77 17.56
C ASP B 159 16.73 -22.26 18.98
N SER B 160 16.28 -21.04 19.34
CA SER B 160 16.48 -20.47 20.69
C SER B 160 15.80 -21.33 21.74
N LEU B 161 14.54 -21.72 21.48
CA LEU B 161 13.79 -22.55 22.39
C LEU B 161 14.55 -23.86 22.70
N VAL B 162 15.03 -24.57 21.67
CA VAL B 162 15.71 -25.85 21.86
C VAL B 162 17.05 -25.63 22.59
N LYS B 163 17.77 -24.57 22.24
CA LYS B 163 19.08 -24.28 22.85
C LYS B 163 18.98 -23.94 24.32
N GLN B 164 17.97 -23.14 24.67
CA GLN B 164 17.83 -22.65 26.06
C GLN B 164 17.05 -23.55 27.03
N THR B 165 16.34 -24.57 26.51
CA THR B 165 15.50 -25.41 27.36
C THR B 165 15.74 -26.90 27.08
N HIS B 166 14.97 -27.81 27.73
CA HIS B 166 15.12 -29.23 27.43
C HIS B 166 14.04 -29.69 26.43
N VAL B 167 13.35 -28.73 25.77
CA VAL B 167 12.31 -29.08 24.82
C VAL B 167 12.92 -29.86 23.64
N PRO B 168 12.38 -31.10 23.34
CA PRO B 168 12.92 -31.86 22.20
C PRO B 168 12.79 -31.08 20.87
N ASN B 169 13.72 -31.32 19.94
CA ASN B 169 13.80 -30.62 18.68
C ASN B 169 12.77 -31.17 17.65
N LEU B 170 11.50 -30.94 17.94
CA LEU B 170 10.41 -31.46 17.13
C LEU B 170 9.14 -30.69 17.47
N PHE B 171 8.27 -30.48 16.50
CA PHE B 171 6.95 -29.92 16.80
C PHE B 171 6.01 -30.57 15.81
N SER B 172 4.75 -30.57 16.12
CA SER B 172 3.77 -31.19 15.23
C SER B 172 2.56 -30.31 15.12
N LEU B 173 1.91 -30.32 13.95
CA LEU B 173 0.75 -29.45 13.72
C LEU B 173 -0.46 -30.23 13.25
N GLN B 174 -1.61 -29.93 13.84
CA GLN B 174 -2.91 -30.46 13.43
C GLN B 174 -3.72 -29.19 13.12
N LEU B 175 -3.88 -28.85 11.84
CA LEU B 175 -4.67 -27.67 11.43
C LEU B 175 -6.06 -28.18 11.08
N CYS B 176 -7.08 -27.61 11.71
CA CYS B 176 -8.42 -28.12 11.58
C CYS B 176 -9.31 -27.21 10.78
N GLY B 177 -9.63 -27.62 9.56
CA GLY B 177 -10.58 -26.88 8.72
C GLY B 177 -11.97 -27.23 9.21
N ALA B 178 -12.87 -26.24 9.29
CA ALA B 178 -14.21 -26.51 9.83
C ALA B 178 -15.09 -27.26 8.81
N GLY B 179 -14.81 -27.08 7.52
CA GLY B 179 -15.60 -27.68 6.46
C GLY B 179 -16.79 -26.82 6.07
N PHE B 180 -16.91 -25.64 6.68
CA PHE B 180 -17.97 -24.69 6.39
C PHE B 180 -17.46 -23.32 6.84
N PRO B 181 -18.05 -22.20 6.39
CA PRO B 181 -17.51 -20.90 6.78
C PRO B 181 -17.78 -20.62 8.25
N LEU B 182 -16.86 -19.91 8.88
CA LEU B 182 -17.02 -19.51 10.28
C LEU B 182 -17.12 -18.00 10.24
N ASN B 183 -18.13 -17.41 10.90
CA ASN B 183 -18.23 -15.94 10.93
C ASN B 183 -17.21 -15.39 11.95
N GLN B 184 -17.11 -14.04 12.06
CA GLN B 184 -16.16 -13.39 12.98
C GLN B 184 -16.23 -13.93 14.41
N SER B 185 -17.44 -14.04 15.00
CA SER B 185 -17.58 -14.56 16.36
C SER B 185 -17.22 -16.04 16.47
N GLU B 186 -17.66 -16.86 15.49
CA GLU B 186 -17.39 -18.30 15.51
C GLU B 186 -15.90 -18.61 15.39
N VAL B 187 -15.17 -17.87 14.55
CA VAL B 187 -13.75 -18.13 14.35
C VAL B 187 -12.96 -17.75 15.63
N LEU B 188 -13.47 -16.81 16.44
CA LEU B 188 -12.80 -16.47 17.70
C LEU B 188 -13.10 -17.50 18.77
N ALA B 189 -14.28 -18.18 18.67
CA ALA B 189 -14.73 -19.15 19.66
C ALA B 189 -14.37 -20.59 19.33
N SER B 190 -14.00 -20.86 18.07
CA SER B 190 -13.72 -22.19 17.59
C SER B 190 -12.26 -22.60 17.79
N VAL B 191 -12.04 -23.89 17.97
CA VAL B 191 -10.72 -24.51 18.07
C VAL B 191 -10.24 -24.79 16.63
N GLY B 192 -9.10 -24.19 16.29
CA GLY B 192 -8.55 -24.34 14.95
C GLY B 192 -7.52 -25.44 14.81
N GLY B 193 -7.16 -26.07 15.92
CA GLY B 193 -6.15 -27.11 15.86
C GLY B 193 -5.16 -27.10 16.99
N SER B 194 -4.05 -27.80 16.80
CA SER B 194 -3.03 -27.97 17.82
C SER B 194 -1.64 -27.82 17.28
N MET B 195 -0.79 -27.15 18.06
CA MET B 195 0.64 -27.12 17.81
C MET B 195 1.26 -27.75 19.04
N ILE B 196 1.77 -28.96 18.89
CA ILE B 196 2.43 -29.69 19.96
C ILE B 196 3.91 -29.41 19.86
N ILE B 197 4.41 -28.67 20.83
CA ILE B 197 5.82 -28.28 20.85
C ILE B 197 6.61 -29.31 21.66
N GLY B 198 7.56 -29.95 21.00
CA GLY B 198 8.42 -30.95 21.60
C GLY B 198 7.88 -32.36 21.63
N GLY B 199 6.81 -32.63 20.86
CA GLY B 199 6.25 -33.98 20.89
C GLY B 199 5.16 -34.25 19.88
N ILE B 200 4.61 -35.46 19.99
CA ILE B 200 3.56 -36.03 19.15
C ILE B 200 2.43 -36.43 20.07
N ASP B 201 1.23 -35.93 19.81
CA ASP B 201 0.08 -36.31 20.60
C ASP B 201 -0.73 -37.32 19.78
N HIS B 202 -0.79 -38.57 20.26
CA HIS B 202 -1.47 -39.67 19.55
C HIS B 202 -2.98 -39.50 19.39
N SER B 203 -3.64 -38.61 20.15
CA SER B 203 -5.09 -38.37 19.99
C SER B 203 -5.43 -37.60 18.71
N LEU B 204 -4.43 -36.97 18.10
CA LEU B 204 -4.64 -36.10 16.95
C LEU B 204 -4.66 -36.77 15.59
N TYR B 205 -4.36 -38.06 15.55
CA TYR B 205 -4.35 -38.78 14.28
C TYR B 205 -4.88 -40.19 14.41
N THR B 206 -5.14 -40.80 13.25
CA THR B 206 -5.55 -42.21 13.19
C THR B 206 -4.57 -42.91 12.27
N GLY B 207 -4.47 -44.22 12.44
CA GLY B 207 -3.55 -45.00 11.61
C GLY B 207 -2.10 -44.71 11.92
N SER B 208 -1.23 -45.01 10.97
CA SER B 208 0.21 -44.87 11.13
C SER B 208 0.77 -43.55 10.63
N LEU B 209 1.88 -43.12 11.22
CA LEU B 209 2.65 -41.98 10.73
C LEU B 209 3.64 -42.53 9.72
N TRP B 210 3.76 -41.86 8.57
CA TRP B 210 4.72 -42.18 7.53
C TRP B 210 5.62 -40.98 7.35
N TYR B 211 6.93 -41.22 7.26
CA TYR B 211 7.89 -40.14 7.20
C TYR B 211 8.58 -39.99 5.87
N THR B 212 8.77 -38.73 5.47
CA THR B 212 9.50 -38.36 4.28
C THR B 212 10.75 -37.59 4.72
N PRO B 213 11.94 -37.78 4.10
CA PRO B 213 13.10 -37.00 4.55
C PRO B 213 12.95 -35.51 4.28
N ILE B 214 13.53 -34.67 5.16
CA ILE B 214 13.67 -33.25 4.88
C ILE B 214 14.91 -33.22 3.98
N ARG B 215 14.73 -32.83 2.72
CA ARG B 215 15.81 -32.88 1.72
C ARG B 215 16.98 -32.01 2.10
N ARG B 216 16.67 -30.81 2.57
CA ARG B 216 17.64 -29.82 2.99
C ARG B 216 16.96 -28.92 4.01
N GLU B 217 17.72 -28.49 5.02
CA GLU B 217 17.19 -27.64 6.09
C GLU B 217 17.26 -26.15 5.75
N TRP B 218 16.20 -25.61 5.11
CA TRP B 218 16.09 -24.18 4.81
C TRP B 218 14.60 -23.93 4.95
N TYR B 219 13.80 -24.23 3.92
CA TYR B 219 12.37 -24.42 4.04
C TYR B 219 12.26 -25.88 4.54
N TYR B 220 11.03 -26.36 4.82
CA TYR B 220 10.83 -27.78 5.08
C TYR B 220 10.63 -28.43 3.72
N GLU B 221 11.77 -28.71 3.04
CA GLU B 221 11.80 -29.22 1.66
C GLU B 221 11.63 -30.73 1.60
N VAL B 222 10.74 -31.19 0.70
CA VAL B 222 10.46 -32.61 0.53
C VAL B 222 10.55 -32.95 -0.95
N ILE B 223 10.44 -34.25 -1.27
CA ILE B 223 10.45 -34.68 -2.67
C ILE B 223 9.17 -35.49 -2.98
N ILE B 224 8.40 -35.01 -3.96
CA ILE B 224 7.18 -35.68 -4.49
C ILE B 224 7.67 -36.55 -5.64
N VAL B 225 7.25 -37.84 -5.65
CA VAL B 225 7.75 -38.77 -6.66
C VAL B 225 6.68 -39.24 -7.67
N ARG B 226 5.39 -38.99 -7.36
CA ARG B 226 4.30 -39.37 -8.26
C ARG B 226 3.07 -38.56 -7.83
N VAL B 227 2.20 -38.28 -8.79
CA VAL B 227 0.94 -37.59 -8.50
C VAL B 227 -0.17 -38.34 -9.24
N GLU B 228 -1.27 -38.61 -8.52
CA GLU B 228 -2.44 -39.24 -9.13
C GLU B 228 -3.67 -38.39 -8.90
N ILE B 229 -4.60 -38.44 -9.84
CA ILE B 229 -5.91 -37.80 -9.74
C ILE B 229 -6.92 -38.94 -9.86
N ASN B 230 -7.61 -39.31 -8.75
CA ASN B 230 -8.53 -40.48 -8.80
C ASN B 230 -7.79 -41.75 -9.29
N GLY B 231 -6.57 -41.92 -8.79
CA GLY B 231 -5.77 -43.10 -9.15
C GLY B 231 -5.11 -43.03 -10.51
N GLN B 232 -5.41 -42.00 -11.31
CA GLN B 232 -4.79 -41.89 -12.64
C GLN B 232 -3.51 -41.09 -12.51
N ASP B 233 -2.41 -41.71 -12.95
CA ASP B 233 -1.08 -41.09 -12.89
C ASP B 233 -1.05 -39.85 -13.78
N LEU B 234 -0.60 -38.71 -13.23
CA LEU B 234 -0.46 -37.48 -14.01
C LEU B 234 0.61 -37.66 -15.09
N LYS B 235 1.50 -38.63 -14.89
CA LYS B 235 2.49 -39.13 -15.84
C LYS B 235 3.52 -38.08 -16.30
N MET B 236 3.86 -37.16 -15.42
CA MET B 236 4.90 -36.18 -15.73
C MET B 236 6.24 -36.68 -15.22
N ASP B 237 7.37 -36.18 -15.78
CA ASP B 237 8.70 -36.49 -15.27
C ASP B 237 8.66 -35.97 -13.83
N CYS B 238 9.02 -36.78 -12.82
CA CYS B 238 8.90 -36.40 -11.41
C CYS B 238 9.69 -35.14 -11.06
N LYS B 239 10.70 -34.76 -11.88
CA LYS B 239 11.41 -33.49 -11.63
C LYS B 239 10.44 -32.30 -11.71
N GLU B 240 9.43 -32.40 -12.57
CA GLU B 240 8.47 -31.33 -12.74
C GLU B 240 7.71 -31.05 -11.43
N TYR B 241 7.45 -32.09 -10.63
CA TYR B 241 6.67 -31.92 -9.39
C TYR B 241 7.46 -31.13 -8.34
N ASN B 242 8.79 -31.12 -8.45
CA ASN B 242 9.65 -30.45 -7.45
C ASN B 242 10.45 -29.32 -8.06
N TYR B 243 9.90 -28.73 -9.14
CA TYR B 243 10.60 -27.65 -9.83
C TYR B 243 10.09 -26.29 -9.33
N ASP B 244 10.90 -25.48 -8.61
CA ASP B 244 12.30 -25.69 -8.21
C ASP B 244 12.52 -26.23 -6.81
N LYS B 245 11.42 -26.48 -6.08
CA LYS B 245 11.46 -27.12 -4.77
C LYS B 245 10.03 -27.52 -4.44
N SER B 246 9.86 -28.37 -3.45
CA SER B 246 8.55 -28.71 -2.88
C SER B 246 8.68 -28.48 -1.39
N ILE B 247 7.75 -27.71 -0.79
CA ILE B 247 7.86 -27.43 0.65
C ILE B 247 6.54 -27.63 1.35
N VAL B 248 6.59 -27.73 2.69
CA VAL B 248 5.41 -27.84 3.54
C VAL B 248 5.29 -26.50 4.24
N ASP B 249 4.19 -25.76 3.96
CA ASP B 249 4.07 -24.37 4.42
C ASP B 249 2.70 -24.03 5.01
N SER B 250 2.64 -23.97 6.35
CA SER B 250 1.38 -23.62 7.03
C SER B 250 0.92 -22.17 6.77
N GLY B 251 1.83 -21.33 6.28
CA GLY B 251 1.53 -19.93 5.98
C GLY B 251 0.92 -19.70 4.60
N THR B 252 0.83 -20.77 3.78
CA THR B 252 0.20 -20.66 2.45
C THR B 252 -1.16 -21.31 2.58
N THR B 253 -2.18 -20.74 1.95
CA THR B 253 -3.53 -21.30 2.04
C THR B 253 -3.64 -22.54 1.15
N ASN B 254 -3.31 -22.36 -0.12
CA ASN B 254 -3.55 -23.40 -1.12
C ASN B 254 -2.54 -24.50 -1.24
N LEU B 255 -2.90 -25.52 -2.04
CA LEU B 255 -1.92 -26.45 -2.59
C LEU B 255 -1.45 -25.68 -3.86
N ARG B 256 -0.18 -25.29 -3.91
CA ARG B 256 0.33 -24.56 -5.09
C ARG B 256 1.23 -25.50 -5.87
N LEU B 257 1.05 -25.53 -7.21
CA LEU B 257 1.82 -26.44 -8.05
C LEU B 257 2.58 -25.67 -9.10
N PRO B 258 3.77 -26.17 -9.49
CA PRO B 258 4.51 -25.53 -10.60
C PRO B 258 3.61 -25.40 -11.82
N LYS B 259 3.79 -24.31 -12.58
CA LYS B 259 2.96 -24.02 -13.75
C LYS B 259 2.56 -25.27 -14.60
N LYS B 260 3.55 -26.04 -15.07
CA LYS B 260 3.27 -27.19 -15.96
C LYS B 260 2.45 -28.26 -15.23
N VAL B 261 2.72 -28.45 -13.95
CA VAL B 261 2.00 -29.45 -13.13
C VAL B 261 0.57 -28.95 -12.90
N PHE B 262 0.42 -27.65 -12.58
CA PHE B 262 -0.89 -27.08 -12.36
C PHE B 262 -1.77 -27.25 -13.59
N GLU B 263 -1.24 -26.90 -14.77
CA GLU B 263 -1.97 -27.03 -16.03
C GLU B 263 -2.44 -28.49 -16.25
N ALA B 264 -1.54 -29.45 -16.01
CA ALA B 264 -1.89 -30.89 -16.19
C ALA B 264 -2.92 -31.33 -15.14
N ALA B 265 -2.74 -30.91 -13.88
CA ALA B 265 -3.67 -31.29 -12.81
C ALA B 265 -5.06 -30.73 -13.04
N VAL B 266 -5.17 -29.42 -13.41
CA VAL B 266 -6.49 -28.82 -13.63
C VAL B 266 -7.18 -29.54 -14.79
N LYS B 267 -6.46 -29.86 -15.87
CA LYS B 267 -7.07 -30.59 -16.98
C LYS B 267 -7.66 -31.92 -16.47
N SER B 268 -6.90 -32.63 -15.63
CA SER B 268 -7.35 -33.94 -15.10
C SER B 268 -8.51 -33.78 -14.14
N ILE B 269 -8.45 -32.76 -13.26
CA ILE B 269 -9.55 -32.53 -12.31
C ILE B 269 -10.82 -32.11 -13.07
N LYS B 270 -10.68 -31.28 -14.11
CA LYS B 270 -11.82 -30.90 -14.95
C LYS B 270 -12.44 -32.15 -15.62
N ALA B 271 -11.59 -33.04 -16.15
CA ALA B 271 -12.07 -34.24 -16.84
C ALA B 271 -12.84 -35.15 -15.84
N ALA B 272 -12.30 -35.30 -14.62
CA ALA B 272 -12.94 -36.13 -13.61
C ALA B 272 -14.29 -35.57 -13.14
N SER B 273 -14.42 -34.23 -13.10
CA SER B 273 -15.63 -33.54 -12.62
C SER B 273 -16.52 -33.04 -13.76
N SER B 274 -16.29 -33.55 -14.98
CA SER B 274 -16.93 -33.05 -16.22
C SER B 274 -18.45 -33.15 -16.24
N THR B 275 -19.10 -33.90 -15.31
CA THR B 275 -20.57 -33.92 -15.28
C THR B 275 -21.15 -32.53 -14.90
N GLU B 276 -20.33 -31.63 -14.33
CA GLU B 276 -20.75 -30.25 -14.03
C GLU B 276 -19.68 -29.33 -14.59
N LYS B 277 -20.10 -28.24 -15.24
CA LYS B 277 -19.17 -27.29 -15.84
C LYS B 277 -19.11 -26.05 -15.00
N PHE B 278 -17.89 -25.60 -14.73
CA PHE B 278 -17.63 -24.45 -13.89
C PHE B 278 -16.91 -23.39 -14.71
N PRO B 279 -17.17 -22.11 -14.39
CA PRO B 279 -16.54 -21.03 -15.15
C PRO B 279 -15.02 -21.00 -14.99
N ASP B 280 -14.32 -20.37 -15.94
CA ASP B 280 -12.87 -20.26 -15.88
C ASP B 280 -12.39 -19.62 -14.59
N GLY B 281 -13.13 -18.63 -14.07
CA GLY B 281 -12.80 -17.92 -12.83
C GLY B 281 -12.76 -18.85 -11.63
N PHE B 282 -13.54 -19.94 -11.67
CA PHE B 282 -13.53 -20.92 -10.55
C PHE B 282 -12.17 -21.63 -10.54
N TRP B 283 -11.74 -22.14 -11.70
CA TRP B 283 -10.48 -22.87 -11.83
C TRP B 283 -9.26 -22.00 -11.59
N LEU B 284 -9.44 -20.66 -11.71
CA LEU B 284 -8.39 -19.69 -11.43
C LEU B 284 -8.31 -19.33 -9.94
N GLY B 285 -9.20 -19.92 -9.13
CA GLY B 285 -9.24 -19.69 -7.68
C GLY B 285 -9.81 -18.37 -7.25
N GLU B 286 -10.39 -17.62 -8.19
CA GLU B 286 -10.94 -16.29 -7.96
C GLU B 286 -12.41 -16.25 -7.61
N GLN B 287 -13.21 -17.07 -8.29
CA GLN B 287 -14.66 -17.07 -8.20
C GLN B 287 -15.20 -18.23 -7.37
N LEU B 288 -16.19 -17.97 -6.54
CA LEU B 288 -16.80 -19.04 -5.78
C LEU B 288 -17.80 -19.81 -6.63
N VAL B 289 -18.06 -21.06 -6.22
CA VAL B 289 -19.10 -21.92 -6.78
C VAL B 289 -20.01 -22.24 -5.60
N CYS B 290 -21.34 -22.19 -5.81
CA CYS B 290 -22.33 -22.46 -4.75
C CYS B 290 -23.27 -23.56 -5.13
N TRP B 291 -23.72 -24.31 -4.11
CA TRP B 291 -24.77 -25.32 -4.27
C TRP B 291 -25.81 -25.12 -3.18
N GLN B 292 -27.05 -25.56 -3.44
CA GLN B 292 -28.12 -25.51 -2.43
C GLN B 292 -27.59 -26.22 -1.17
N ALA B 293 -27.96 -25.72 0.01
CA ALA B 293 -27.53 -26.26 1.30
C ALA B 293 -27.54 -27.79 1.35
N GLY B 294 -26.39 -28.36 1.68
CA GLY B 294 -26.22 -29.79 1.84
C GLY B 294 -26.04 -30.61 0.58
N THR B 295 -26.09 -29.97 -0.61
CA THR B 295 -26.06 -30.70 -1.88
C THR B 295 -24.72 -30.67 -2.61
N THR B 296 -23.65 -30.16 -1.98
CA THR B 296 -22.33 -30.14 -2.64
C THR B 296 -22.03 -31.55 -3.21
N PRO B 297 -21.77 -31.65 -4.53
CA PRO B 297 -21.58 -32.98 -5.12
C PRO B 297 -20.14 -33.45 -4.98
N TRP B 298 -19.73 -33.70 -3.73
CA TRP B 298 -18.36 -34.14 -3.46
C TRP B 298 -17.92 -35.28 -4.39
N ASN B 299 -18.85 -36.24 -4.62
CA ASN B 299 -18.52 -37.45 -5.37
C ASN B 299 -18.09 -37.20 -6.81
N ILE B 300 -18.43 -36.03 -7.41
CA ILE B 300 -17.99 -35.80 -8.79
C ILE B 300 -16.56 -35.32 -8.86
N PHE B 301 -16.03 -34.82 -7.72
CA PHE B 301 -14.67 -34.35 -7.66
C PHE B 301 -13.71 -35.49 -7.29
N PRO B 302 -12.52 -35.51 -7.90
CA PRO B 302 -11.60 -36.61 -7.63
C PRO B 302 -10.79 -36.44 -6.35
N VAL B 303 -10.23 -37.55 -5.85
CA VAL B 303 -9.24 -37.47 -4.78
C VAL B 303 -7.89 -37.18 -5.46
N ILE B 304 -6.93 -36.62 -4.70
CA ILE B 304 -5.60 -36.31 -5.22
C ILE B 304 -4.59 -36.96 -4.32
N SER B 305 -3.67 -37.75 -4.89
CA SER B 305 -2.64 -38.41 -4.10
C SER B 305 -1.29 -37.87 -4.49
N LEU B 306 -0.50 -37.53 -3.49
CA LEU B 306 0.88 -37.12 -3.69
C LEU B 306 1.73 -38.23 -3.06
N TYR B 307 2.65 -38.80 -3.84
CA TYR B 307 3.57 -39.84 -3.32
C TYR B 307 4.83 -39.13 -2.92
N LEU B 308 5.30 -39.43 -1.73
CA LEU B 308 6.48 -38.79 -1.16
C LEU B 308 7.59 -39.81 -0.98
N MET B 309 8.85 -39.38 -1.14
CA MET B 309 9.99 -40.25 -0.87
C MET B 309 9.93 -40.79 0.57
N GLY B 310 10.19 -42.08 0.73
CA GLY B 310 10.17 -42.72 2.05
C GLY B 310 11.52 -42.67 2.72
N GLU B 311 11.61 -43.20 3.94
CA GLU B 311 12.88 -43.20 4.67
C GLU B 311 13.76 -44.36 4.24
N VAL B 312 13.11 -45.43 3.74
CA VAL B 312 13.78 -46.65 3.30
C VAL B 312 14.14 -46.49 1.82
N THR B 313 15.33 -46.98 1.42
CA THR B 313 15.78 -46.90 0.04
C THR B 313 14.72 -47.53 -0.89
N ASN B 314 14.43 -46.85 -2.01
CA ASN B 314 13.49 -47.29 -3.06
C ASN B 314 12.05 -47.48 -2.57
N GLN B 315 11.68 -46.78 -1.50
CA GLN B 315 10.35 -46.88 -0.94
C GLN B 315 9.68 -45.51 -0.92
N SER B 316 8.38 -45.46 -1.26
CA SER B 316 7.63 -44.22 -1.15
C SER B 316 6.32 -44.50 -0.39
N PHE B 317 5.57 -43.46 -0.06
CA PHE B 317 4.24 -43.66 0.52
C PHE B 317 3.39 -42.58 -0.13
N ARG B 318 2.07 -42.63 0.05
CA ARG B 318 1.21 -41.59 -0.53
C ARG B 318 0.34 -40.96 0.52
N ILE B 319 0.00 -39.68 0.29
CA ILE B 319 -1.00 -38.96 1.08
C ILE B 319 -2.13 -38.63 0.10
N THR B 320 -3.37 -38.86 0.50
CA THR B 320 -4.52 -38.66 -0.39
C THR B 320 -5.48 -37.70 0.24
N ILE B 321 -5.83 -36.65 -0.51
CA ILE B 321 -6.75 -35.65 -0.02
C ILE B 321 -8.02 -35.71 -0.83
N LEU B 322 -9.07 -35.16 -0.27
CA LEU B 322 -10.38 -35.15 -0.88
C LEU B 322 -10.74 -33.76 -1.37
N PRO B 323 -11.81 -33.62 -2.17
CA PRO B 323 -12.29 -32.25 -2.48
C PRO B 323 -12.66 -31.47 -1.22
N GLN B 324 -13.00 -32.15 -0.09
CA GLN B 324 -13.29 -31.44 1.16
C GLN B 324 -12.05 -30.70 1.67
N GLN B 325 -10.85 -31.10 1.21
CA GLN B 325 -9.63 -30.34 1.52
C GLN B 325 -9.36 -29.28 0.45
N TYR B 326 -9.46 -29.60 -0.87
CA TYR B 326 -9.05 -28.61 -1.87
C TYR B 326 -10.14 -27.67 -2.36
N LEU B 327 -11.38 -27.81 -1.86
CA LEU B 327 -12.45 -26.84 -2.08
C LEU B 327 -12.59 -26.10 -0.73
N ARG B 328 -12.20 -24.83 -0.71
CA ARG B 328 -12.19 -24.04 0.52
C ARG B 328 -13.53 -23.37 0.80
N PRO B 329 -14.20 -23.67 1.93
CA PRO B 329 -15.51 -23.04 2.20
C PRO B 329 -15.40 -21.52 2.36
N VAL B 330 -16.31 -20.82 1.69
CA VAL B 330 -16.39 -19.35 1.76
C VAL B 330 -17.86 -18.93 1.88
N GLU B 331 -18.12 -17.77 2.48
CA GLU B 331 -19.49 -17.28 2.53
C GLU B 331 -19.83 -16.67 1.17
N ASP B 332 -21.11 -16.77 0.78
CA ASP B 332 -21.66 -16.26 -0.48
C ASP B 332 -21.51 -14.75 -0.62
N SER B 336 -27.16 -15.94 1.89
CA SER B 336 -27.85 -17.14 1.43
C SER B 336 -27.54 -18.33 2.32
N GLN B 337 -28.29 -19.42 2.13
CA GLN B 337 -28.07 -20.66 2.85
C GLN B 337 -27.30 -21.64 1.97
N ASP B 338 -26.79 -21.20 0.82
CA ASP B 338 -26.02 -22.09 -0.04
C ASP B 338 -24.68 -22.46 0.60
N ASP B 339 -24.10 -23.60 0.18
CA ASP B 339 -22.76 -24.01 0.56
C ASP B 339 -21.85 -23.62 -0.61
N CYS B 340 -20.92 -22.71 -0.35
CA CYS B 340 -20.03 -22.12 -1.36
C CYS B 340 -18.58 -22.41 -1.07
N TYR B 341 -17.78 -22.47 -2.15
CA TYR B 341 -16.37 -22.81 -2.05
C TYR B 341 -15.53 -22.11 -3.12
N LYS B 342 -14.24 -21.96 -2.83
CA LYS B 342 -13.27 -21.53 -3.82
C LYS B 342 -12.33 -22.71 -4.08
N PHE B 343 -11.82 -22.82 -5.31
CA PHE B 343 -10.87 -23.87 -5.67
C PHE B 343 -9.53 -23.45 -5.07
N ALA B 344 -8.98 -24.29 -4.21
CA ALA B 344 -7.75 -23.96 -3.44
C ALA B 344 -6.52 -24.67 -3.94
N ILE B 345 -6.46 -24.84 -5.26
CA ILE B 345 -5.26 -25.33 -5.96
C ILE B 345 -4.91 -24.23 -6.93
N SER B 346 -3.65 -23.78 -6.88
CA SER B 346 -3.24 -22.65 -7.73
C SER B 346 -1.82 -22.82 -8.25
N GLN B 347 -1.46 -22.00 -9.25
CA GLN B 347 -0.18 -22.08 -9.90
C GLN B 347 0.92 -21.42 -9.07
N SER B 348 2.13 -21.89 -9.25
CA SER B 348 3.32 -21.34 -8.61
C SER B 348 4.46 -21.25 -9.62
N SER B 349 5.35 -20.26 -9.43
CA SER B 349 6.57 -20.15 -10.22
C SER B 349 7.76 -20.42 -9.28
N THR B 350 7.47 -20.79 -8.01
CA THR B 350 8.49 -21.06 -6.97
C THR B 350 8.38 -22.46 -6.38
N GLY B 351 7.85 -23.40 -7.17
CA GLY B 351 7.77 -24.80 -6.75
C GLY B 351 6.46 -25.21 -6.11
N THR B 352 6.38 -26.46 -5.68
CA THR B 352 5.16 -26.94 -5.03
C THR B 352 5.10 -26.40 -3.62
N VAL B 353 3.90 -26.00 -3.18
CA VAL B 353 3.71 -25.59 -1.79
C VAL B 353 2.55 -26.41 -1.22
N MET B 354 2.86 -27.25 -0.24
CA MET B 354 1.79 -28.01 0.43
C MET B 354 1.30 -27.10 1.56
N GLY B 355 0.30 -26.29 1.23
CA GLY B 355 -0.25 -25.29 2.12
C GLY B 355 -1.27 -25.83 3.10
N ALA B 356 -1.97 -24.93 3.75
CA ALA B 356 -2.90 -25.24 4.81
C ALA B 356 -4.00 -26.16 4.37
N VAL B 357 -4.52 -26.03 3.13
CA VAL B 357 -5.62 -26.91 2.72
C VAL B 357 -5.13 -28.39 2.60
N ILE B 358 -3.82 -28.66 2.29
CA ILE B 358 -3.21 -30.00 2.34
C ILE B 358 -3.03 -30.40 3.83
N MET B 359 -2.43 -29.49 4.61
CA MET B 359 -2.17 -29.78 6.02
C MET B 359 -3.43 -30.10 6.82
N GLU B 360 -4.58 -29.55 6.42
CA GLU B 360 -5.86 -29.82 7.11
C GLU B 360 -6.29 -31.29 7.03
N GLY B 361 -5.74 -32.04 6.09
CA GLY B 361 -6.09 -33.45 6.02
C GLY B 361 -5.26 -34.33 6.93
N PHE B 362 -4.13 -33.78 7.41
CA PHE B 362 -3.16 -34.61 8.12
C PHE B 362 -2.62 -34.00 9.38
N TYR B 363 -2.15 -34.89 10.25
CA TYR B 363 -1.35 -34.48 11.41
C TYR B 363 0.08 -34.52 10.86
N VAL B 364 0.79 -33.38 10.94
CA VAL B 364 2.12 -33.26 10.32
C VAL B 364 3.18 -33.08 11.40
N VAL B 365 4.16 -33.98 11.41
CA VAL B 365 5.22 -33.98 12.43
C VAL B 365 6.48 -33.43 11.82
N PHE B 366 6.97 -32.28 12.35
CA PHE B 366 8.18 -31.65 11.86
C PHE B 366 9.31 -32.13 12.75
N ASP B 367 9.81 -33.33 12.42
CA ASP B 367 10.83 -33.98 13.23
C ASP B 367 12.21 -33.47 12.83
N ARG B 368 12.55 -32.30 13.36
CA ARG B 368 13.81 -31.66 13.04
C ARG B 368 15.00 -32.50 13.53
N ALA B 369 14.87 -33.13 14.70
CA ALA B 369 15.94 -33.96 15.28
C ALA B 369 16.36 -35.09 14.35
N ARG B 370 15.37 -35.70 13.64
CA ARG B 370 15.64 -36.82 12.72
C ARG B 370 15.52 -36.41 11.24
N LYS B 371 15.49 -35.07 10.95
CA LYS B 371 15.49 -34.53 9.59
C LYS B 371 14.40 -35.22 8.73
N ARG B 372 13.18 -35.24 9.25
CA ARG B 372 12.09 -35.92 8.54
C ARG B 372 10.75 -35.28 8.86
N ILE B 373 9.78 -35.42 7.96
CA ILE B 373 8.43 -34.90 8.18
C ILE B 373 7.47 -36.10 8.15
N GLY B 374 6.64 -36.22 9.19
CA GLY B 374 5.69 -37.31 9.31
C GLY B 374 4.29 -36.87 8.94
N PHE B 375 3.52 -37.77 8.31
CA PHE B 375 2.12 -37.52 7.95
C PHE B 375 1.28 -38.68 8.45
N ALA B 376 0.16 -38.36 9.05
CA ALA B 376 -0.86 -39.33 9.41
C ALA B 376 -2.22 -38.70 9.14
N VAL B 377 -3.25 -39.52 8.91
CA VAL B 377 -4.60 -38.97 8.72
C VAL B 377 -5.00 -38.17 9.97
N SER B 378 -5.47 -36.93 9.76
CA SER B 378 -5.90 -36.12 10.90
C SER B 378 -7.21 -36.59 11.48
N ALA B 379 -7.29 -36.58 12.82
CA ALA B 379 -8.53 -36.89 13.53
C ALA B 379 -9.60 -35.77 13.27
N CYS B 380 -9.19 -34.60 12.73
CA CYS B 380 -10.15 -33.53 12.47
C CYS B 380 -10.33 -33.24 10.95
N HIS B 381 -9.88 -34.15 10.06
CA HIS B 381 -10.10 -33.85 8.65
C HIS B 381 -11.57 -33.99 8.26
N VAL B 382 -11.99 -33.13 7.35
CA VAL B 382 -13.36 -33.11 6.83
C VAL B 382 -13.50 -34.19 5.75
N HIS B 383 -14.56 -35.02 5.88
CA HIS B 383 -14.78 -36.05 4.87
C HIS B 383 -16.28 -36.32 4.77
N ASP B 384 -16.64 -37.36 4.02
CA ASP B 384 -18.04 -37.74 3.93
C ASP B 384 -18.13 -39.24 4.31
N GLU B 385 -19.31 -39.86 4.14
CA GLU B 385 -19.46 -41.26 4.54
C GLU B 385 -18.82 -42.23 3.54
N PHE B 386 -18.43 -41.73 2.36
CA PHE B 386 -17.92 -42.61 1.31
C PHE B 386 -16.43 -42.62 1.15
N ARG B 387 -15.75 -41.51 1.47
CA ARG B 387 -14.31 -41.42 1.26
C ARG B 387 -13.67 -40.73 2.44
N THR B 388 -12.40 -41.05 2.68
CA THR B 388 -11.61 -40.38 3.74
C THR B 388 -10.23 -40.03 3.18
N ALA B 389 -9.56 -39.08 3.81
CA ALA B 389 -8.16 -38.84 3.47
C ALA B 389 -7.38 -40.11 3.89
N ALA B 390 -6.20 -40.28 3.36
CA ALA B 390 -5.41 -41.48 3.64
C ALA B 390 -3.94 -41.22 3.62
N VAL B 391 -3.19 -42.06 4.35
CA VAL B 391 -1.72 -42.06 4.33
C VAL B 391 -1.37 -43.53 4.25
N GLU B 392 -0.80 -43.96 3.11
CA GLU B 392 -0.61 -45.40 2.85
C GLU B 392 0.72 -45.70 2.28
N GLY B 393 1.19 -46.92 2.54
CA GLY B 393 2.44 -47.35 1.94
C GLY B 393 2.78 -48.75 2.42
N PRO B 394 3.93 -49.28 2.01
CA PRO B 394 4.90 -48.66 1.11
C PRO B 394 4.66 -49.03 -0.35
N PHE B 395 5.31 -48.27 -1.23
CA PHE B 395 5.34 -48.52 -2.67
C PHE B 395 6.77 -48.60 -3.10
N VAL B 396 7.06 -49.47 -4.05
CA VAL B 396 8.41 -49.54 -4.59
C VAL B 396 8.58 -48.42 -5.62
N THR B 397 9.55 -47.51 -5.39
CA THR B 397 9.79 -46.41 -6.32
C THR B 397 11.28 -46.27 -6.55
N LEU B 398 11.70 -46.30 -7.81
CA LEU B 398 13.13 -46.22 -8.14
C LEU B 398 13.55 -44.79 -8.51
N ASP B 399 14.88 -44.52 -8.39
CA ASP B 399 15.54 -43.26 -8.77
C ASP B 399 14.84 -42.00 -8.23
N MET B 400 14.43 -42.03 -6.97
CA MET B 400 13.71 -40.92 -6.34
C MET B 400 14.57 -39.66 -6.16
N GLU B 401 15.90 -39.84 -6.02
CA GLU B 401 16.85 -38.72 -5.92
C GLU B 401 16.81 -37.88 -7.21
N ASP B 402 16.52 -38.54 -8.37
CA ASP B 402 16.35 -37.89 -9.67
C ASP B 402 15.16 -36.94 -9.71
N CYS B 403 14.20 -37.07 -8.78
CA CYS B 403 13.04 -36.18 -8.76
C CYS B 403 13.36 -34.82 -8.20
N GLY B 404 14.45 -34.73 -7.43
CA GLY B 404 14.85 -33.46 -6.83
C GLY B 404 15.50 -32.54 -7.84
N TYR B 405 15.21 -31.25 -7.72
CA TYR B 405 15.79 -30.24 -8.61
C TYR B 405 17.12 -29.73 -8.07
N ASN B 406 18.08 -29.48 -8.98
CA ASN B 406 19.39 -28.90 -8.66
C ASN B 406 19.62 -27.65 -9.51
C10 60U C . -6.01 26.33 2.03
C11 60U C . -12.38 22.85 1.75
C13 60U C . -8.51 25.86 1.56
C14 60U C . -8.49 23.59 2.41
C15 60U C . -13.30 23.82 1.52
C17 60U C . -12.82 25.11 1.40
C18 60U C . -5.93 27.11 3.17
N3 60U C . -5.56 23.03 1.09
C19 60U C . -3.89 27.66 2.19
C22 60U C . -2.60 28.21 1.97
C7 60U C . -10.66 24.39 1.68
C1 60U C . -7.05 25.38 1.58
C2 60U C . -7.13 24.22 2.55
C4 60U C . -5.96 23.78 0.00
C5 60U C . -6.11 23.14 2.36
N6 60U C . -6.78 24.84 0.24
N8 60U C . -11.06 23.12 1.80
N9 60U C . -9.23 24.62 1.75
N12 60U C . -11.51 25.40 1.48
S16 60U C . -4.58 26.56 1.08
N20 60U C . -1.51 28.55 1.79
N21 60U C . -5.56 23.49 -1.19
C23 60U C . -4.73 27.88 3.26
O24 60U C . -5.85 22.39 3.29
F25 60U C . -14.59 23.49 1.42
C26 60U C . -4.48 22.08 0.94
O27 60U C . -12.85 21.55 1.83
C28 60U C . -13.80 26.24 1.19
C29 60U C . -12.33 20.96 3.02
C30 60U C . -12.38 19.46 2.85
C10 60U D . 3.60 -14.72 5.10
C11 60U D . 10.68 -14.41 3.42
C13 60U D . 6.19 -14.57 5.33
C14 60U D . 6.64 -14.79 2.94
C15 60U D . 11.23 -14.02 4.60
C17 60U D . 10.38 -13.77 5.64
C18 60U D . 3.10 -13.44 5.25
N3 60U D . 4.26 -17.02 2.67
C19 60U D . 1.18 -14.65 5.80
C22 60U D . -0.15 -14.99 6.15
C7 60U D . 8.58 -14.34 4.35
C1 60U D . 4.94 -15.17 4.66
C2 60U D . 5.15 -14.79 3.21
C4 60U D . 4.62 -17.51 3.92
C5 60U D . 4.55 -15.74 2.22
N6 60U D . 5.08 -16.60 4.84
N8 60U D . 9.36 -14.59 3.27
N9 60U D . 7.16 -14.51 4.25
N12 60U D . 9.06 -13.91 5.51
S16 60U D . 2.36 -15.85 5.51
N20 60U D . -1.24 -15.30 6.38
N21 60U D . 4.56 -18.78 4.21
C23 60U D . 1.73 -13.40 5.65
O24 60U D . 4.42 -15.37 1.06
F25 60U D . 12.56 -13.88 4.74
C26 60U D . 3.62 -17.93 1.73
O27 60U D . 11.59 -14.69 2.41
C28 60U D . 10.95 -13.28 6.95
C29 60U D . 10.99 -14.66 1.11
C30 60U D . 12.03 -15.14 0.13
#